data_8C8J
#
_entry.id   8C8J
#
_cell.length_a   119.349
_cell.length_b   84.528
_cell.length_c   107.938
_cell.angle_alpha   90
_cell.angle_beta   91.48
_cell.angle_gamma   90
#
_symmetry.space_group_name_H-M   'C 1 2 1'
#
loop_
_entity.id
_entity.type
_entity.pdbx_description
1 polymer 'RNA-directed DNA polymerase'
2 polymer "DNA (5'-D(P*GP*CP*GP*CP*TP*TP*TP*CP*C)-3')"
3 polymer "RNA (5'-R(P*UP*UP*AP*GP*GP*AP*AP*AP*GP*CP*GP*C)-3')"
4 non-polymer 'CITRIC ACID'
5 non-polymer "THYMIDINE-5'-TRIPHOSPHATE"
6 non-polymer 1,2-ETHANEDIOL
7 non-polymer 'DIMETHYL SULFOXIDE'
8 non-polymer '1,4-DIETHYLENE DIOXIDE'
9 non-polymer 'MAGNESIUM ION'
10 non-polymer 'CHLORIDE ION'
11 water water
#
loop_
_entity_poly.entity_id
_entity_poly.type
_entity_poly.pdbx_seq_one_letter_code
_entity_poly.pdbx_strand_id
1 'polypeptide(L)'
;RIKNLTQSRSTTWKLNNLLLNDYWVHNEMKAEIKMFFETNENKDTTYQNLWDAFKAVCRGKFIALNAYKRKQERSKIDTL
TSQLKELEKQEQTHSKASRRQEITKIRAELKEIETQKTLQKINESRSWFFERINKIDRPLARLIKKKREKNQIDTIKNDK
GDITTDPTEIQTTIREYYKHLYANKLENLEEMDTFLDTYTLPRLNQEEVESLNRPITGSEIVAIINSLPTKKSPGPDGFT
AEFYQRYKEELVPFLLKLFQSIEKEGILPNSFYEASIILIPKPGRDTTKKENFRPISLMNIDAKILNKILANRIQQHIKK
LIHHDQVGFIPGMQGWFNIRKSINVIQHINRAKDKNHMIISIDAEKAFDKIQQPFMLKTLNKLGIDGTYFKIIRAIYDKP
TANIILNGQKLEAFPLKTGTRQG(CSX)PLSPLLFNIVLEVLARAIRQEKEIKGIQLGKEEVKLSLFADDMIVYLENPIV
SAQNLLKLISNFSKVSGYKINVQKSQAFLYTNNRQTESQIMGELPFTIASKRIKYLGIQLTRDVKDLFKENYKPLLKEIK
EETNKWKNIPCSWVGRINIVKMAILPKVIYRFNAIPIKLPMTFFTELEKTTLKFIWNQKRARIAKSILSQKNKAGGITLP
DFKLYYKATVTKTAWYWYQNRDIDQWNRTEPSEIMPHIYNYLIFDKPEKNKQWGKDSLFNKWCWENWLAICRKLKLDPFL
TPYTKINSRWIKDLNVKPKTIKTLEENLGITIQDIGVGKDFMSKTPKAMATKDKIDKWDLIKLKSFCTAKETTIRVNRQP
TTWEKIFATYSSDKGLISRIYNELKQIYHHHHHHHH
;
A
2 'polydeoxyribonucleotide' (DG)(DC)(DG)(DC)(DT)(DT)(DT)(DC)(DC) B
3 'polyribonucleotide' UUAGGAAAGCGC C
#
# COMPACT_ATOMS: atom_id res chain seq x y z
N LYS A 14 -25.29 -23.83 -5.67
CA LYS A 14 -23.83 -23.76 -5.75
C LYS A 14 -23.23 -24.77 -6.75
N LEU A 15 -22.19 -24.35 -7.46
CA LEU A 15 -21.53 -25.17 -8.47
C LEU A 15 -20.46 -26.10 -7.92
N ASN A 16 -20.56 -27.39 -8.28
CA ASN A 16 -19.53 -28.36 -7.90
C ASN A 16 -18.52 -28.35 -9.06
N ASN A 17 -17.28 -27.90 -8.78
CA ASN A 17 -16.21 -27.81 -9.79
C ASN A 17 -15.81 -29.15 -10.41
N LEU A 18 -16.07 -30.25 -9.70
CA LEU A 18 -15.80 -31.61 -10.18
C LEU A 18 -16.60 -31.92 -11.46
N LEU A 19 -17.78 -31.29 -11.63
CA LEU A 19 -18.64 -31.46 -12.79
C LEU A 19 -18.03 -30.85 -14.06
N LEU A 20 -17.23 -29.77 -13.92
CA LEU A 20 -16.59 -29.15 -15.08
C LEU A 20 -15.47 -30.04 -15.68
N ASN A 21 -14.92 -30.99 -14.89
CA ASN A 21 -13.89 -31.93 -15.33
C ASN A 21 -14.47 -33.02 -16.25
N ASP A 22 -15.74 -33.40 -16.03
CA ASP A 22 -16.41 -34.44 -16.80
C ASP A 22 -16.62 -34.01 -18.25
N TYR A 23 -16.20 -34.84 -19.21
CA TYR A 23 -16.31 -34.58 -20.65
C TYR A 23 -17.77 -34.42 -21.07
N TRP A 24 -18.65 -35.27 -20.52
CA TRP A 24 -20.07 -35.23 -20.85
C TRP A 24 -20.75 -33.98 -20.31
N VAL A 25 -20.42 -33.58 -19.06
CA VAL A 25 -21.01 -32.39 -18.47
C VAL A 25 -20.48 -31.15 -19.16
N HIS A 26 -19.17 -31.09 -19.43
CA HIS A 26 -18.57 -29.97 -20.13
C HIS A 26 -19.20 -29.74 -21.51
N ASN A 27 -19.39 -30.81 -22.29
CA ASN A 27 -19.99 -30.70 -23.62
C ASN A 27 -21.47 -30.36 -23.57
N GLU A 28 -22.20 -30.94 -22.62
CA GLU A 28 -23.63 -30.66 -22.44
C GLU A 28 -23.83 -29.19 -22.02
N MET A 29 -22.91 -28.65 -21.20
CA MET A 29 -22.95 -27.26 -20.74
C MET A 29 -22.52 -26.29 -21.83
N LYS A 30 -21.38 -26.55 -22.49
CA LYS A 30 -20.85 -25.74 -23.58
C LYS A 30 -21.90 -25.52 -24.69
N ALA A 31 -22.75 -26.54 -24.92
CA ALA A 31 -23.82 -26.49 -25.91
C ALA A 31 -25.06 -25.81 -25.35
N GLU A 32 -25.34 -25.96 -24.05
CA GLU A 32 -26.49 -25.31 -23.42
C GLU A 32 -26.27 -23.78 -23.36
N ILE A 33 -25.01 -23.34 -23.17
CA ILE A 33 -24.65 -21.93 -23.13
C ILE A 33 -24.90 -21.32 -24.51
N LYS A 34 -24.44 -22.02 -25.57
CA LYS A 34 -24.61 -21.58 -26.95
C LYS A 34 -26.08 -21.59 -27.38
N MET A 35 -26.83 -22.62 -26.94
CA MET A 35 -28.25 -22.72 -27.25
C MET A 35 -29.11 -21.67 -26.52
N PHE A 36 -28.62 -21.16 -25.37
CA PHE A 36 -29.34 -20.14 -24.63
C PHE A 36 -29.24 -18.80 -25.35
N PHE A 37 -28.03 -18.43 -25.76
CA PHE A 37 -27.78 -17.15 -26.44
C PHE A 37 -28.28 -17.08 -27.89
N GLU A 38 -28.89 -18.15 -28.39
CA GLU A 38 -29.47 -18.16 -29.73
C GLU A 38 -30.99 -18.09 -29.60
N THR A 39 -31.55 -18.90 -28.69
CA THR A 39 -32.98 -18.98 -28.42
C THR A 39 -33.50 -17.73 -27.72
N ASN A 40 -32.77 -17.21 -26.74
CA ASN A 40 -33.21 -16.08 -25.94
C ASN A 40 -32.75 -14.72 -26.45
N GLU A 41 -31.71 -14.65 -27.31
CA GLU A 41 -31.31 -13.37 -27.90
C GLU A 41 -32.31 -13.00 -29.02
N ASN A 42 -32.42 -11.70 -29.34
CA ASN A 42 -33.37 -11.16 -30.32
C ASN A 42 -34.80 -11.28 -29.76
N LYS A 43 -34.96 -10.90 -28.50
CA LYS A 43 -36.24 -10.91 -27.79
C LYS A 43 -36.50 -9.54 -27.14
N ASP A 44 -37.69 -9.33 -26.55
CA ASP A 44 -38.04 -8.07 -25.92
C ASP A 44 -37.44 -8.00 -24.50
N THR A 45 -36.10 -8.03 -24.40
CA THR A 45 -35.39 -8.05 -23.11
C THR A 45 -34.05 -7.30 -23.17
N THR A 46 -33.53 -6.93 -22.00
CA THR A 46 -32.24 -6.25 -21.91
C THR A 46 -31.11 -7.28 -21.75
N TYR A 47 -29.86 -6.89 -22.04
CA TYR A 47 -28.72 -7.79 -21.82
C TYR A 47 -28.55 -8.09 -20.30
N GLN A 48 -28.91 -7.12 -19.44
CA GLN A 48 -28.86 -7.22 -17.98
C GLN A 48 -29.81 -8.30 -17.48
N ASN A 49 -31.08 -8.28 -17.91
CA ASN A 49 -32.04 -9.31 -17.50
C ASN A 49 -31.74 -10.65 -18.15
N LEU A 50 -31.21 -10.63 -19.39
CA LEU A 50 -30.84 -11.83 -20.12
C LEU A 50 -29.69 -12.56 -19.44
N TRP A 51 -28.71 -11.81 -18.92
CA TRP A 51 -27.58 -12.42 -18.22
C TRP A 51 -28.07 -13.11 -16.95
N ASP A 52 -28.88 -12.42 -16.14
CA ASP A 52 -29.43 -13.03 -14.92
C ASP A 52 -30.30 -14.25 -15.22
N ALA A 53 -31.07 -14.22 -16.33
CA ALA A 53 -31.88 -15.38 -16.75
C ALA A 53 -30.95 -16.53 -17.15
N PHE A 54 -29.85 -16.22 -17.84
CA PHE A 54 -28.86 -17.21 -18.24
C PHE A 54 -28.29 -17.93 -17.04
N LYS A 55 -27.87 -17.20 -16.00
CA LYS A 55 -27.30 -17.82 -14.81
C LYS A 55 -28.31 -18.74 -14.13
N ALA A 56 -29.60 -18.34 -14.13
CA ALA A 56 -30.69 -19.13 -13.55
C ALA A 56 -30.91 -20.42 -14.34
N VAL A 57 -30.80 -20.35 -15.67
CA VAL A 57 -30.94 -21.51 -16.55
C VAL A 57 -29.72 -22.45 -16.41
N CYS A 58 -28.48 -21.90 -16.40
CA CYS A 58 -27.27 -22.71 -16.20
C CYS A 58 -27.32 -23.43 -14.84
N ARG A 59 -27.92 -22.77 -13.82
CA ARG A 59 -28.06 -23.31 -12.47
C ARG A 59 -28.94 -24.55 -12.42
N GLY A 60 -30.13 -24.49 -13.01
CA GLY A 60 -31.07 -25.60 -13.05
C GLY A 60 -30.59 -26.75 -13.91
N LYS A 61 -29.88 -26.43 -15.01
CA LYS A 61 -29.31 -27.45 -15.89
C LYS A 61 -28.23 -28.27 -15.16
N PHE A 62 -27.50 -27.65 -14.20
CA PHE A 62 -26.49 -28.35 -13.41
C PHE A 62 -27.15 -29.26 -12.37
N ILE A 63 -28.30 -28.84 -11.80
CA ILE A 63 -29.04 -29.65 -10.82
C ILE A 63 -29.63 -30.88 -11.51
N ALA A 64 -30.16 -30.71 -12.74
CA ALA A 64 -30.72 -31.81 -13.50
C ALA A 64 -29.63 -32.78 -13.97
N LEU A 65 -28.43 -32.26 -14.29
CA LEU A 65 -27.31 -33.11 -14.68
C LEU A 65 -26.78 -33.93 -13.50
N ASN A 66 -26.91 -33.40 -12.26
CA ASN A 66 -26.49 -34.09 -11.03
C ASN A 66 -27.58 -35.02 -10.47
N ALA A 67 -28.83 -34.91 -10.98
CA ALA A 67 -29.94 -35.75 -10.51
C ALA A 67 -29.81 -37.19 -11.03
N ASN A 151 -15.96 -22.09 11.60
CA ASN A 151 -16.65 -20.80 11.56
C ASN A 151 -18.05 -20.93 12.22
N GLN A 152 -18.14 -20.61 13.54
CA GLN A 152 -19.38 -20.66 14.31
C GLN A 152 -19.34 -19.64 15.44
N ILE A 153 -20.44 -18.89 15.62
CA ILE A 153 -20.53 -17.94 16.72
C ILE A 153 -21.48 -18.56 17.74
N ASP A 154 -20.91 -19.19 18.79
CA ASP A 154 -21.66 -19.89 19.83
C ASP A 154 -22.11 -19.00 20.97
N THR A 155 -21.43 -17.87 21.19
CA THR A 155 -21.73 -16.98 22.30
C THR A 155 -21.60 -15.52 21.89
N ILE A 156 -22.52 -14.69 22.35
CA ILE A 156 -22.54 -13.24 22.17
C ILE A 156 -22.82 -12.65 23.56
N LYS A 157 -21.95 -11.75 24.01
CA LYS A 157 -22.00 -11.14 25.33
C LYS A 157 -22.28 -9.65 25.21
N ASN A 158 -23.19 -9.12 26.04
CA ASN A 158 -23.49 -7.69 26.01
C ASN A 158 -22.51 -6.89 26.92
N ASP A 159 -22.72 -5.56 27.04
CA ASP A 159 -21.87 -4.69 27.84
C ASP A 159 -21.99 -4.95 29.38
N LYS A 160 -23.01 -5.69 29.81
CA LYS A 160 -23.24 -6.01 31.22
C LYS A 160 -22.81 -7.43 31.63
N GLY A 161 -22.11 -8.15 30.76
CA GLY A 161 -21.66 -9.51 31.07
C GLY A 161 -22.68 -10.62 30.89
N ASP A 162 -23.85 -10.30 30.32
CA ASP A 162 -24.87 -11.32 30.05
C ASP A 162 -24.60 -11.91 28.69
N ILE A 163 -24.62 -13.24 28.59
CA ILE A 163 -24.37 -13.91 27.32
C ILE A 163 -25.60 -14.65 26.81
N THR A 164 -25.60 -14.97 25.51
CA THR A 164 -26.59 -15.83 24.93
C THR A 164 -25.89 -16.90 24.12
N THR A 165 -26.30 -18.13 24.32
CA THR A 165 -25.86 -19.29 23.55
C THR A 165 -27.01 -19.76 22.60
N ASP A 166 -28.12 -18.99 22.49
CA ASP A 166 -29.25 -19.35 21.64
C ASP A 166 -29.01 -18.94 20.18
N PRO A 167 -29.05 -19.89 19.25
CA PRO A 167 -28.82 -19.56 17.84
C PRO A 167 -29.71 -18.44 17.29
N THR A 168 -31.00 -18.42 17.64
CA THR A 168 -31.92 -17.38 17.18
C THR A 168 -31.58 -16.01 17.76
N GLU A 169 -31.29 -15.95 19.06
CA GLU A 169 -30.96 -14.67 19.71
C GLU A 169 -29.60 -14.10 19.17
N ILE A 170 -28.62 -14.99 18.94
CA ILE A 170 -27.32 -14.61 18.38
C ILE A 170 -27.54 -14.02 16.97
N GLN A 171 -28.31 -14.75 16.13
CA GLN A 171 -28.60 -14.30 14.77
CA GLN A 171 -28.65 -14.33 14.76
C GLN A 171 -29.31 -12.95 14.76
N THR A 172 -30.27 -12.77 15.67
CA THR A 172 -31.00 -11.52 15.75
C THR A 172 -30.10 -10.36 16.18
N THR A 173 -29.33 -10.55 17.25
CA THR A 173 -28.42 -9.52 17.76
C THR A 173 -27.38 -9.10 16.66
N ILE A 174 -26.76 -10.08 16.02
CA ILE A 174 -25.78 -9.82 14.96
C ILE A 174 -26.41 -9.12 13.78
N ARG A 175 -27.51 -9.67 13.23
CA ARG A 175 -28.19 -9.02 12.11
C ARG A 175 -28.64 -7.59 12.46
N GLU A 176 -29.25 -7.35 13.62
CA GLU A 176 -29.67 -6.00 14.00
C GLU A 176 -28.48 -5.06 14.09
N TYR A 177 -27.35 -5.53 14.62
CA TYR A 177 -26.14 -4.73 14.74
C TYR A 177 -25.60 -4.29 13.37
N TYR A 178 -25.43 -5.23 12.43
CA TYR A 178 -24.89 -4.86 11.10
C TYR A 178 -25.87 -4.08 10.26
N LYS A 179 -27.17 -4.36 10.41
N LYS A 179 -27.18 -4.39 10.36
CA LYS A 179 -28.22 -3.61 9.70
CA LYS A 179 -28.20 -3.65 9.61
C LYS A 179 -28.15 -2.13 10.11
C LYS A 179 -28.16 -2.15 9.97
N HIS A 180 -28.04 -1.85 11.42
N HIS A 180 -28.08 -1.85 11.26
CA HIS A 180 -27.96 -0.48 11.90
CA HIS A 180 -28.06 -0.47 11.73
C HIS A 180 -26.68 0.20 11.43
C HIS A 180 -26.71 0.22 11.49
N LEU A 181 -25.54 -0.51 11.50
N LEU A 181 -25.62 -0.55 11.37
CA LEU A 181 -24.25 0.00 11.03
CA LEU A 181 -24.28 -0.04 11.04
C LEU A 181 -24.32 0.55 9.60
C LEU A 181 -24.39 0.58 9.63
N TYR A 182 -24.99 -0.16 8.67
CA TYR A 182 -25.09 0.29 7.29
C TYR A 182 -26.40 0.98 6.92
N ALA A 183 -27.19 1.46 7.90
CA ALA A 183 -28.52 2.01 7.61
C ALA A 183 -28.63 3.49 7.30
N ASN A 184 -27.83 4.34 7.93
CA ASN A 184 -28.05 5.78 7.86
C ASN A 184 -27.19 6.54 6.89
N LYS A 185 -27.72 6.79 5.70
CA LYS A 185 -27.08 7.58 4.66
C LYS A 185 -27.26 9.07 5.01
N LEU A 186 -26.18 9.86 4.92
CA LEU A 186 -26.25 11.27 5.24
C LEU A 186 -27.01 12.01 4.17
N GLU A 187 -27.70 13.10 4.56
CA GLU A 187 -28.48 13.90 3.62
C GLU A 187 -28.01 15.36 3.52
N ASN A 188 -26.96 15.74 4.27
CA ASN A 188 -26.40 17.09 4.27
C ASN A 188 -25.53 17.34 3.03
N LEU A 189 -26.14 17.22 1.84
CA LEU A 189 -25.45 17.38 0.57
C LEU A 189 -24.82 18.76 0.37
N GLU A 190 -25.45 19.82 0.91
CA GLU A 190 -24.89 21.17 0.80
C GLU A 190 -23.62 21.28 1.66
N GLU A 191 -23.63 20.70 2.87
CA GLU A 191 -22.44 20.73 3.73
C GLU A 191 -21.29 19.93 3.13
N MET A 192 -21.60 18.86 2.38
CA MET A 192 -20.59 18.06 1.70
C MET A 192 -19.91 18.92 0.65
N ASP A 193 -20.70 19.65 -0.15
CA ASP A 193 -20.21 20.57 -1.18
C ASP A 193 -19.32 21.65 -0.56
N THR A 194 -19.72 22.20 0.58
CA THR A 194 -18.96 23.22 1.29
C THR A 194 -17.57 22.74 1.70
N PHE A 195 -17.47 21.55 2.36
CA PHE A 195 -16.17 20.99 2.77
C PHE A 195 -15.27 20.73 1.56
N LEU A 196 -15.80 20.12 0.50
CA LEU A 196 -15.03 19.81 -0.71
C LEU A 196 -14.52 21.04 -1.46
N ASP A 197 -15.26 22.15 -1.40
CA ASP A 197 -14.83 23.39 -2.06
C ASP A 197 -13.77 24.15 -1.24
N THR A 198 -13.65 23.86 0.06
CA THR A 198 -12.76 24.54 0.99
C THR A 198 -11.28 24.32 0.70
N TYR A 199 -10.90 23.14 0.22
CA TYR A 199 -9.47 22.83 0.02
C TYR A 199 -9.11 22.58 -1.43
N THR A 200 -7.82 22.72 -1.79
CA THR A 200 -7.37 22.46 -3.15
C THR A 200 -7.19 20.97 -3.36
N LEU A 201 -7.96 20.39 -4.27
CA LEU A 201 -7.89 18.96 -4.56
C LEU A 201 -7.35 18.73 -5.96
N PRO A 202 -6.62 17.62 -6.21
CA PRO A 202 -6.14 17.37 -7.58
C PRO A 202 -7.32 17.09 -8.52
N ARG A 203 -7.05 17.04 -9.83
CA ARG A 203 -8.11 16.82 -10.80
C ARG A 203 -7.54 16.17 -12.06
N LEU A 204 -8.21 15.14 -12.56
CA LEU A 204 -7.76 14.45 -13.75
C LEU A 204 -7.94 15.33 -14.98
N ASN A 205 -6.96 15.31 -15.91
CA ASN A 205 -7.07 16.06 -17.16
C ASN A 205 -7.94 15.25 -18.18
N GLN A 206 -8.27 15.81 -19.35
CA GLN A 206 -9.10 15.08 -20.32
C GLN A 206 -8.46 13.79 -20.85
N GLU A 207 -7.13 13.71 -20.89
CA GLU A 207 -6.43 12.50 -21.35
C GLU A 207 -6.74 11.36 -20.34
N GLU A 208 -6.50 11.63 -19.04
CA GLU A 208 -6.72 10.71 -17.93
C GLU A 208 -8.19 10.35 -17.80
N VAL A 209 -9.08 11.33 -17.97
CA VAL A 209 -10.53 11.14 -17.91
C VAL A 209 -11.02 10.21 -19.03
N GLU A 210 -10.46 10.37 -20.25
CA GLU A 210 -10.85 9.52 -21.38
C GLU A 210 -10.39 8.08 -21.19
N SER A 211 -9.25 7.90 -20.53
CA SER A 211 -8.69 6.59 -20.18
C SER A 211 -9.65 5.85 -19.23
N LEU A 212 -10.31 6.58 -18.31
CA LEU A 212 -11.29 6.02 -17.38
C LEU A 212 -12.57 5.65 -18.11
N ASN A 213 -13.02 6.54 -19.02
CA ASN A 213 -14.24 6.32 -19.76
C ASN A 213 -14.09 5.45 -21.01
N ARG A 214 -12.86 4.99 -21.29
CA ARG A 214 -12.51 4.12 -22.42
C ARG A 214 -13.37 2.87 -22.36
N PRO A 215 -14.01 2.49 -23.48
CA PRO A 215 -14.91 1.33 -23.43
C PRO A 215 -14.19 0.04 -23.05
N ILE A 216 -14.91 -0.84 -22.36
CA ILE A 216 -14.36 -2.13 -21.96
C ILE A 216 -14.19 -3.01 -23.22
N THR A 217 -13.08 -3.76 -23.27
CA THR A 217 -12.82 -4.66 -24.39
C THR A 217 -12.90 -6.12 -23.92
N GLY A 218 -13.04 -7.04 -24.87
CA GLY A 218 -13.07 -8.47 -24.60
C GLY A 218 -11.73 -8.94 -24.04
N SER A 219 -10.62 -8.40 -24.56
CA SER A 219 -9.30 -8.79 -24.07
C SER A 219 -9.09 -8.34 -22.59
N GLU A 220 -9.70 -7.22 -22.18
CA GLU A 220 -9.67 -6.72 -20.79
C GLU A 220 -10.38 -7.74 -19.88
N ILE A 221 -11.59 -8.18 -20.29
CA ILE A 221 -12.37 -9.18 -19.58
C ILE A 221 -11.59 -10.49 -19.49
N VAL A 222 -11.00 -10.97 -20.61
CA VAL A 222 -10.21 -12.21 -20.67
C VAL A 222 -9.06 -12.21 -19.66
N ALA A 223 -8.28 -11.13 -19.61
CA ALA A 223 -7.14 -11.05 -18.69
C ALA A 223 -7.60 -11.17 -17.22
N ILE A 224 -8.74 -10.53 -16.87
CA ILE A 224 -9.26 -10.61 -15.51
C ILE A 224 -9.69 -12.02 -15.17
N ILE A 225 -10.42 -12.69 -16.08
N ILE A 225 -10.44 -12.70 -16.06
CA ILE A 225 -10.88 -14.07 -15.89
CA ILE A 225 -10.89 -14.05 -15.74
C ILE A 225 -9.69 -14.99 -15.65
C ILE A 225 -9.68 -15.00 -15.62
N ASN A 226 -8.62 -14.80 -16.43
CA ASN A 226 -7.41 -15.62 -16.33
C ASN A 226 -6.68 -15.44 -15.00
N SER A 227 -6.75 -14.25 -14.40
CA SER A 227 -6.10 -13.99 -13.12
C SER A 227 -6.99 -14.28 -11.90
N LEU A 228 -8.25 -14.73 -12.10
CA LEU A 228 -9.16 -15.04 -10.99
C LEU A 228 -8.64 -16.18 -10.13
N PRO A 229 -8.74 -16.03 -8.80
CA PRO A 229 -8.24 -17.09 -7.91
C PRO A 229 -9.07 -18.37 -7.89
N THR A 230 -8.37 -19.52 -7.92
CA THR A 230 -9.00 -20.84 -7.89
C THR A 230 -9.22 -21.33 -6.43
N LYS A 231 -10.00 -22.41 -6.26
CA LYS A 231 -10.33 -23.03 -4.98
C LYS A 231 -11.06 -22.10 -3.98
N LYS A 232 -11.58 -20.96 -4.45
CA LYS A 232 -12.31 -20.03 -3.62
C LYS A 232 -13.81 -20.29 -3.70
N SER A 233 -14.56 -19.81 -2.71
CA SER A 233 -16.01 -19.97 -2.69
C SER A 233 -16.65 -19.15 -3.83
N PRO A 234 -17.83 -19.55 -4.31
CA PRO A 234 -18.54 -18.68 -5.26
C PRO A 234 -19.26 -17.54 -4.51
N GLY A 235 -19.81 -16.59 -5.26
CA GLY A 235 -20.66 -15.57 -4.67
C GLY A 235 -22.04 -16.17 -4.39
N PRO A 236 -23.02 -15.36 -4.00
CA PRO A 236 -24.37 -15.90 -3.75
C PRO A 236 -25.08 -16.62 -4.92
N ASP A 237 -24.72 -16.33 -6.19
CA ASP A 237 -25.37 -17.00 -7.34
C ASP A 237 -24.88 -18.45 -7.54
N GLY A 238 -23.77 -18.83 -6.91
CA GLY A 238 -23.25 -20.17 -6.97
C GLY A 238 -22.14 -20.43 -7.97
N PHE A 239 -21.82 -19.43 -8.80
CA PHE A 239 -20.80 -19.61 -9.82
C PHE A 239 -19.39 -19.32 -9.34
N THR A 240 -18.52 -20.32 -9.40
CA THR A 240 -17.13 -20.16 -9.00
C THR A 240 -16.34 -19.48 -10.14
N ALA A 241 -15.12 -19.02 -9.84
CA ALA A 241 -14.24 -18.44 -10.85
C ALA A 241 -13.87 -19.48 -11.93
N GLU A 242 -13.85 -20.78 -11.57
CA GLU A 242 -13.55 -21.88 -12.48
C GLU A 242 -14.62 -22.03 -13.57
N PHE A 243 -15.88 -21.63 -13.29
CA PHE A 243 -16.92 -21.67 -14.30
C PHE A 243 -16.61 -20.67 -15.42
N TYR A 244 -16.11 -19.49 -15.07
CA TYR A 244 -15.79 -18.44 -16.02
C TYR A 244 -14.53 -18.79 -16.82
N GLN A 245 -13.57 -19.48 -16.19
CA GLN A 245 -12.31 -19.89 -16.81
C GLN A 245 -12.52 -21.02 -17.80
N ARG A 246 -13.32 -22.03 -17.41
CA ARG A 246 -13.66 -23.18 -18.22
C ARG A 246 -14.47 -22.79 -19.47
N TYR A 247 -15.47 -21.90 -19.32
CA TYR A 247 -16.30 -21.49 -20.46
C TYR A 247 -15.97 -20.09 -20.98
N LYS A 248 -14.72 -19.66 -20.81
CA LYS A 248 -14.19 -18.37 -21.24
C LYS A 248 -14.58 -17.98 -22.69
N GLU A 249 -14.35 -18.91 -23.65
CA GLU A 249 -14.65 -18.68 -25.08
C GLU A 249 -16.12 -18.37 -25.32
N GLU A 250 -17.01 -19.06 -24.62
CA GLU A 250 -18.44 -18.87 -24.79
C GLU A 250 -18.98 -17.69 -24.00
N LEU A 251 -18.38 -17.39 -22.83
CA LEU A 251 -18.88 -16.33 -21.97
C LEU A 251 -18.40 -14.92 -22.30
N VAL A 252 -17.13 -14.73 -22.66
CA VAL A 252 -16.58 -13.40 -22.89
C VAL A 252 -17.40 -12.56 -23.89
N PRO A 253 -17.83 -13.09 -25.08
CA PRO A 253 -18.66 -12.26 -25.98
C PRO A 253 -19.92 -11.76 -25.30
N PHE A 254 -20.50 -12.60 -24.44
CA PHE A 254 -21.70 -12.23 -23.73
C PHE A 254 -21.44 -11.22 -22.60
N LEU A 255 -20.39 -11.45 -21.79
CA LEU A 255 -20.00 -10.52 -20.72
C LEU A 255 -19.69 -9.13 -21.30
N LEU A 256 -19.06 -9.09 -22.49
CA LEU A 256 -18.74 -7.85 -23.17
C LEU A 256 -20.01 -7.08 -23.52
N LYS A 257 -21.02 -7.75 -24.11
CA LYS A 257 -22.29 -7.10 -24.43
C LYS A 257 -22.98 -6.62 -23.17
N LEU A 258 -22.94 -7.44 -22.10
CA LEU A 258 -23.51 -7.04 -20.79
C LEU A 258 -22.82 -5.76 -20.28
N PHE A 259 -21.49 -5.71 -20.31
CA PHE A 259 -20.73 -4.55 -19.82
C PHE A 259 -20.92 -3.34 -20.71
N GLN A 260 -21.09 -3.54 -22.03
CA GLN A 260 -21.37 -2.45 -22.95
C GLN A 260 -22.76 -1.88 -22.70
N SER A 261 -23.75 -2.73 -22.35
N SER A 261 -23.74 -2.73 -22.35
CA SER A 261 -25.10 -2.22 -22.03
CA SER A 261 -25.08 -2.25 -22.03
C SER A 261 -25.10 -1.50 -20.67
C SER A 261 -25.08 -1.49 -20.68
N ILE A 262 -24.24 -1.92 -19.73
CA ILE A 262 -24.10 -1.25 -18.44
C ILE A 262 -23.51 0.17 -18.67
N GLU A 263 -22.50 0.29 -19.55
N GLU A 263 -22.52 0.28 -19.56
CA GLU A 263 -21.90 1.60 -19.83
CA GLU A 263 -21.92 1.55 -19.91
C GLU A 263 -22.84 2.54 -20.62
C GLU A 263 -22.95 2.54 -20.48
N LYS A 264 -23.90 2.03 -21.27
CA LYS A 264 -24.89 2.86 -21.92
C LYS A 264 -25.98 3.36 -20.96
N GLU A 265 -26.67 2.45 -20.25
CA GLU A 265 -27.80 2.81 -19.44
C GLU A 265 -27.49 3.17 -18.00
N GLY A 266 -26.37 2.69 -17.49
CA GLY A 266 -26.05 2.85 -16.08
C GLY A 266 -26.95 1.95 -15.24
N ILE A 267 -27.40 0.82 -15.82
CA ILE A 267 -28.28 -0.15 -15.18
C ILE A 267 -27.56 -1.48 -15.05
N LEU A 268 -27.65 -2.10 -13.87
CA LEU A 268 -26.99 -3.37 -13.62
C LEU A 268 -28.01 -4.48 -13.51
N PRO A 269 -27.60 -5.74 -13.77
CA PRO A 269 -28.48 -6.87 -13.43
C PRO A 269 -28.76 -6.86 -11.91
N ASN A 270 -29.96 -7.29 -11.48
CA ASN A 270 -30.32 -7.30 -10.07
C ASN A 270 -29.33 -8.07 -9.20
N SER A 271 -28.80 -9.22 -9.69
CA SER A 271 -27.85 -10.03 -8.94
C SER A 271 -26.55 -9.28 -8.61
N PHE A 272 -26.20 -8.23 -9.37
CA PHE A 272 -24.96 -7.47 -9.11
C PHE A 272 -24.98 -6.72 -7.79
N TYR A 273 -26.14 -6.60 -7.15
CA TYR A 273 -26.29 -5.90 -5.88
C TYR A 273 -26.21 -6.83 -4.67
N GLU A 274 -26.14 -8.14 -4.87
CA GLU A 274 -26.11 -9.10 -3.79
C GLU A 274 -24.71 -9.45 -3.35
N ALA A 275 -24.57 -9.79 -2.08
CA ALA A 275 -23.32 -10.27 -1.52
C ALA A 275 -23.58 -11.04 -0.26
N SER A 276 -22.74 -12.02 0.03
CA SER A 276 -22.81 -12.75 1.29
C SER A 276 -21.80 -12.11 2.26
N ILE A 277 -22.18 -11.87 3.51
CA ILE A 277 -21.24 -11.37 4.52
C ILE A 277 -20.87 -12.56 5.40
N ILE A 278 -19.56 -12.79 5.55
CA ILE A 278 -18.98 -13.79 6.43
C ILE A 278 -18.30 -12.98 7.54
N LEU A 279 -18.55 -13.34 8.79
CA LEU A 279 -17.99 -12.63 9.93
C LEU A 279 -16.72 -13.32 10.38
N ILE A 280 -15.61 -12.60 10.35
CA ILE A 280 -14.32 -13.18 10.76
C ILE A 280 -13.79 -12.47 12.00
N PRO A 281 -13.16 -13.19 12.92
CA PRO A 281 -12.64 -12.54 14.14
C PRO A 281 -11.51 -11.56 13.85
N LYS A 282 -11.42 -10.51 14.67
CA LYS A 282 -10.31 -9.58 14.56
C LYS A 282 -9.24 -10.09 15.56
N PRO A 283 -7.99 -10.27 15.08
CA PRO A 283 -6.93 -10.82 15.95
C PRO A 283 -6.81 -10.25 17.35
N GLY A 284 -6.69 -11.14 18.32
CA GLY A 284 -6.52 -10.77 19.72
C GLY A 284 -7.66 -10.03 20.40
N ARG A 285 -8.80 -9.83 19.68
CA ARG A 285 -9.94 -9.15 20.28
C ARG A 285 -10.91 -10.18 20.91
N ASP A 286 -11.81 -9.71 21.79
CA ASP A 286 -12.79 -10.56 22.47
C ASP A 286 -13.86 -10.96 21.47
N THR A 287 -13.87 -12.25 21.06
CA THR A 287 -14.78 -12.80 20.06
C THR A 287 -16.22 -13.03 20.55
N THR A 288 -16.53 -12.68 21.80
CA THR A 288 -17.91 -12.76 22.28
C THR A 288 -18.63 -11.42 22.04
N LYS A 289 -17.93 -10.35 21.61
CA LYS A 289 -18.54 -9.05 21.36
C LYS A 289 -18.85 -8.87 19.88
N LYS A 290 -20.08 -8.47 19.55
CA LYS A 290 -20.55 -8.30 18.17
C LYS A 290 -19.74 -7.27 17.36
N GLU A 291 -19.15 -6.27 18.02
CA GLU A 291 -18.35 -5.26 17.32
C GLU A 291 -16.93 -5.70 17.01
N ASN A 292 -16.50 -6.88 17.47
CA ASN A 292 -15.13 -7.34 17.20
C ASN A 292 -15.04 -8.32 16.03
N PHE A 293 -16.06 -8.33 15.16
CA PHE A 293 -16.02 -9.13 13.95
C PHE A 293 -15.76 -8.24 12.75
N ARG A 294 -15.12 -8.80 11.74
CA ARG A 294 -14.89 -8.09 10.48
C ARG A 294 -15.87 -8.69 9.43
N PRO A 295 -16.75 -7.85 8.87
CA PRO A 295 -17.67 -8.35 7.83
C PRO A 295 -17.00 -8.37 6.45
N ILE A 296 -16.67 -9.56 6.00
CA ILE A 296 -16.04 -9.84 4.71
C ILE A 296 -17.14 -10.15 3.72
N SER A 297 -17.07 -9.59 2.50
CA SER A 297 -18.10 -9.81 1.47
C SER A 297 -17.69 -10.78 0.40
N LEU A 298 -18.61 -11.67 0.03
CA LEU A 298 -18.43 -12.56 -1.10
C LEU A 298 -19.44 -12.10 -2.14
N MET A 299 -18.95 -11.45 -3.18
CA MET A 299 -19.81 -11.00 -4.27
C MET A 299 -19.78 -12.03 -5.41
N ASN A 300 -20.73 -11.91 -6.34
CA ASN A 300 -20.76 -12.79 -7.50
C ASN A 300 -19.57 -12.46 -8.39
N ILE A 301 -18.95 -13.48 -8.98
CA ILE A 301 -17.78 -13.34 -9.84
C ILE A 301 -18.01 -12.37 -11.01
N ASP A 302 -19.22 -12.38 -11.64
CA ASP A 302 -19.49 -11.46 -12.74
C ASP A 302 -19.34 -9.99 -12.30
N ALA A 303 -19.86 -9.66 -11.11
CA ALA A 303 -19.77 -8.29 -10.56
C ALA A 303 -18.34 -7.96 -10.14
N LYS A 304 -17.58 -8.96 -9.65
CA LYS A 304 -16.19 -8.78 -9.25
C LYS A 304 -15.33 -8.51 -10.49
N ILE A 305 -15.63 -9.15 -11.65
CA ILE A 305 -14.90 -8.89 -12.89
C ILE A 305 -15.09 -7.41 -13.30
N LEU A 306 -16.33 -6.92 -13.27
CA LEU A 306 -16.61 -5.53 -13.59
C LEU A 306 -15.88 -4.59 -12.61
N ASN A 307 -15.99 -4.87 -11.30
CA ASN A 307 -15.33 -4.07 -10.28
C ASN A 307 -13.81 -4.08 -10.41
N LYS A 308 -13.19 -5.22 -10.76
CA LYS A 308 -11.74 -5.28 -10.94
C LYS A 308 -11.29 -4.42 -12.14
N ILE A 309 -12.10 -4.39 -13.22
CA ILE A 309 -11.79 -3.55 -14.39
C ILE A 309 -11.83 -2.09 -13.97
N LEU A 310 -12.87 -1.67 -13.25
CA LEU A 310 -13.02 -0.31 -12.77
C LEU A 310 -11.89 0.05 -11.80
N ALA A 311 -11.48 -0.88 -10.95
CA ALA A 311 -10.39 -0.65 -10.00
C ALA A 311 -9.07 -0.49 -10.75
N ASN A 312 -8.84 -1.32 -11.79
CA ASN A 312 -7.62 -1.24 -12.58
C ASN A 312 -7.56 0.09 -13.33
N ARG A 313 -8.70 0.64 -13.79
CA ARG A 313 -8.71 1.89 -14.53
C ARG A 313 -8.33 3.07 -13.67
N ILE A 314 -8.88 3.15 -12.45
CA ILE A 314 -8.57 4.28 -11.57
C ILE A 314 -7.17 4.14 -10.95
N GLN A 315 -6.69 2.90 -10.73
CA GLN A 315 -5.34 2.69 -10.20
C GLN A 315 -4.26 3.21 -11.17
N GLN A 316 -4.55 3.28 -12.49
CA GLN A 316 -3.61 3.85 -13.46
C GLN A 316 -3.31 5.32 -13.13
N HIS A 317 -4.27 6.04 -12.53
CA HIS A 317 -4.10 7.45 -12.20
C HIS A 317 -4.07 7.71 -10.68
N ILE A 318 -3.82 6.70 -9.84
CA ILE A 318 -3.84 6.87 -8.39
C ILE A 318 -2.69 7.73 -7.88
N LYS A 319 -1.52 7.66 -8.53
CA LYS A 319 -0.37 8.49 -8.15
C LYS A 319 -0.70 9.99 -8.30
N LYS A 320 -1.52 10.35 -9.27
CA LYS A 320 -1.94 11.74 -9.50
C LYS A 320 -2.92 12.21 -8.40
N LEU A 321 -3.81 11.33 -7.98
CA LEU A 321 -4.84 11.66 -7.01
C LEU A 321 -4.40 11.60 -5.55
N ILE A 322 -3.46 10.70 -5.21
CA ILE A 322 -3.04 10.51 -3.82
C ILE A 322 -1.64 10.96 -3.57
N HIS A 323 -1.45 11.83 -2.59
CA HIS A 323 -0.16 12.36 -2.20
C HIS A 323 0.68 11.24 -1.55
N HIS A 324 1.98 11.26 -1.82
CA HIS A 324 2.95 10.26 -1.40
C HIS A 324 3.01 10.01 0.11
N ASP A 325 2.38 10.86 0.95
CA ASP A 325 2.28 10.57 2.39
C ASP A 325 1.48 9.25 2.61
N GLN A 326 0.59 8.88 1.67
CA GLN A 326 -0.19 7.65 1.74
C GLN A 326 0.51 6.53 0.97
N VAL A 327 0.88 5.46 1.68
CA VAL A 327 1.56 4.33 1.04
C VAL A 327 0.70 3.02 1.07
N GLY A 328 -0.41 3.02 1.81
CA GLY A 328 -1.26 1.85 1.91
C GLY A 328 -2.09 1.69 0.64
N PHE A 329 -2.06 0.48 0.05
CA PHE A 329 -2.79 0.17 -1.20
C PHE A 329 -2.24 0.88 -2.43
N ILE A 330 -1.09 1.53 -2.34
CA ILE A 330 -0.56 2.31 -3.46
C ILE A 330 0.55 1.54 -4.14
N PRO A 331 0.47 1.35 -5.46
CA PRO A 331 1.54 0.61 -6.15
C PRO A 331 2.90 1.28 -6.01
N GLY A 332 3.94 0.46 -5.89
CA GLY A 332 5.30 0.98 -5.82
C GLY A 332 5.70 1.67 -4.54
N MET A 333 4.83 1.63 -3.52
CA MET A 333 5.14 2.26 -2.22
C MET A 333 5.38 1.19 -1.14
N GLN A 334 6.12 1.54 -0.08
CA GLN A 334 6.44 0.58 0.99
C GLN A 334 6.01 1.14 2.30
N GLY A 335 5.43 0.32 3.16
CA GLY A 335 5.06 0.75 4.50
C GLY A 335 6.24 1.20 5.34
N TRP A 336 7.45 0.64 5.11
CA TRP A 336 8.63 1.03 5.89
C TRP A 336 9.05 2.49 5.67
N PHE A 337 8.60 3.15 4.56
CA PHE A 337 8.85 4.58 4.35
C PHE A 337 8.27 5.37 5.55
N ASN A 338 7.03 5.04 5.98
CA ASN A 338 6.35 5.68 7.10
C ASN A 338 6.98 5.34 8.44
N ILE A 339 7.45 4.10 8.59
CA ILE A 339 8.07 3.67 9.84
C ILE A 339 9.37 4.43 10.07
N ARG A 340 10.25 4.48 9.06
CA ARG A 340 11.54 5.15 9.21
C ARG A 340 11.36 6.67 9.35
N LYS A 341 10.41 7.26 8.61
CA LYS A 341 10.13 8.67 8.78
C LYS A 341 9.65 8.98 10.23
N SER A 342 8.71 8.18 10.75
CA SER A 342 8.19 8.41 12.11
C SER A 342 9.32 8.30 13.14
N ILE A 343 10.19 7.31 12.99
CA ILE A 343 11.31 7.12 13.93
C ILE A 343 12.29 8.35 13.89
N ASN A 344 12.67 8.85 12.70
CA ASN A 344 13.55 10.01 12.61
C ASN A 344 12.88 11.26 13.22
N VAL A 345 11.56 11.38 13.08
CA VAL A 345 10.82 12.49 13.68
C VAL A 345 10.85 12.35 15.22
N ILE A 346 10.73 11.12 15.76
CA ILE A 346 10.82 10.91 17.20
C ILE A 346 12.25 11.27 17.67
N GLN A 347 13.28 10.85 16.95
CA GLN A 347 14.66 11.18 17.28
C GLN A 347 14.88 12.70 17.30
N HIS A 348 14.26 13.44 16.35
CA HIS A 348 14.35 14.89 16.30
C HIS A 348 13.77 15.51 17.60
N ILE A 349 12.62 14.99 18.05
CA ILE A 349 11.99 15.46 19.28
C ILE A 349 12.88 15.11 20.48
N ASN A 350 13.44 13.89 20.48
CA ASN A 350 14.34 13.45 21.55
C ASN A 350 15.54 14.38 21.72
N ARG A 351 16.08 14.87 20.61
CA ARG A 351 17.23 15.76 20.60
C ARG A 351 16.89 17.23 20.79
N ALA A 352 15.64 17.62 20.57
CA ALA A 352 15.24 19.02 20.71
C ALA A 352 15.38 19.49 22.16
N LYS A 353 15.85 20.70 22.34
CA LYS A 353 16.00 21.29 23.65
C LYS A 353 14.63 21.73 24.17
N ASP A 354 13.81 22.31 23.30
CA ASP A 354 12.47 22.75 23.67
C ASP A 354 11.43 21.68 23.29
N LYS A 355 10.86 20.97 24.28
CA LYS A 355 9.82 19.97 24.01
C LYS A 355 8.45 20.63 23.92
N ASN A 356 7.80 20.57 22.75
CA ASN A 356 6.45 21.10 22.56
C ASN A 356 5.88 20.38 21.30
N HIS A 357 5.86 19.04 21.34
CA HIS A 357 5.53 18.19 20.20
C HIS A 357 4.55 17.06 20.50
N MET A 358 3.91 16.53 19.45
CA MET A 358 2.98 15.42 19.63
C MET A 358 2.98 14.53 18.39
N ILE A 359 3.02 13.22 18.59
CA ILE A 359 2.95 12.26 17.51
C ILE A 359 1.69 11.46 17.77
N ILE A 360 0.65 11.68 16.95
CA ILE A 360 -0.63 11.00 17.13
C ILE A 360 -0.86 9.85 16.12
N SER A 361 -1.13 8.65 16.63
CA SER A 361 -1.46 7.51 15.77
C SER A 361 -2.98 7.38 15.80
N ILE A 362 -3.64 7.79 14.72
CA ILE A 362 -5.10 7.72 14.64
C ILE A 362 -5.55 6.55 13.75
N ASP A 363 -6.44 5.70 14.25
CA ASP A 363 -7.04 4.62 13.45
C ASP A 363 -8.51 5.00 13.22
N ALA A 364 -9.04 4.80 12.02
CA ALA A 364 -10.46 5.07 11.77
C ALA A 364 -11.27 3.84 12.21
N GLU A 365 -12.43 4.08 12.85
CA GLU A 365 -13.29 2.99 13.30
C GLU A 365 -14.04 2.41 12.10
N LYS A 366 -13.96 1.09 11.90
CA LYS A 366 -14.65 0.37 10.81
C LYS A 366 -14.59 1.14 9.48
N ALA A 367 -13.36 1.51 9.10
CA ALA A 367 -13.04 2.42 8.02
C ALA A 367 -13.88 2.25 6.73
N PHE A 368 -13.89 1.05 6.11
CA PHE A 368 -14.65 0.87 4.87
C PHE A 368 -16.15 0.91 5.10
N ASP A 369 -16.61 0.45 6.25
CA ASP A 369 -18.04 0.37 6.57
C ASP A 369 -18.69 1.72 6.76
N LYS A 370 -17.97 2.69 7.31
CA LYS A 370 -18.53 4.00 7.64
C LYS A 370 -18.45 5.07 6.54
N ILE A 371 -17.75 4.80 5.42
CA ILE A 371 -17.66 5.72 4.27
C ILE A 371 -19.06 6.10 3.78
N GLN A 372 -19.32 7.40 3.67
CA GLN A 372 -20.63 7.86 3.18
C GLN A 372 -20.65 7.89 1.67
N GLN A 373 -21.56 7.12 1.08
CA GLN A 373 -21.64 6.99 -0.38
C GLN A 373 -21.88 8.33 -1.13
N PRO A 374 -22.76 9.25 -0.68
CA PRO A 374 -22.90 10.53 -1.40
C PRO A 374 -21.64 11.38 -1.34
N PHE A 375 -20.89 11.32 -0.23
CA PHE A 375 -19.64 12.06 -0.10
C PHE A 375 -18.59 11.49 -1.05
N MET A 376 -18.54 10.15 -1.17
CA MET A 376 -17.60 9.49 -2.05
CA MET A 376 -17.59 9.49 -2.05
C MET A 376 -17.90 9.87 -3.51
N LEU A 377 -19.18 9.85 -3.91
CA LEU A 377 -19.55 10.21 -5.28
C LEU A 377 -19.26 11.69 -5.57
N LYS A 378 -19.51 12.58 -4.60
CA LYS A 378 -19.18 14.00 -4.74
C LYS A 378 -17.66 14.18 -4.86
N THR A 379 -16.87 13.42 -4.10
CA THR A 379 -15.40 13.52 -4.19
C THR A 379 -14.92 13.11 -5.57
N LEU A 380 -15.45 12.00 -6.13
CA LEU A 380 -15.07 11.57 -7.48
C LEU A 380 -15.38 12.68 -8.52
N ASN A 381 -16.56 13.33 -8.43
CA ASN A 381 -16.91 14.46 -9.32
C ASN A 381 -15.93 15.62 -9.15
N LYS A 382 -15.55 15.92 -7.90
CA LYS A 382 -14.61 16.98 -7.60
C LYS A 382 -13.23 16.74 -8.21
N LEU A 383 -12.82 15.48 -8.34
CA LEU A 383 -11.53 15.13 -8.94
C LEU A 383 -11.59 15.04 -10.48
N GLY A 384 -12.71 15.45 -11.08
CA GLY A 384 -12.87 15.36 -12.52
C GLY A 384 -13.44 14.04 -13.00
N ILE A 385 -13.63 13.07 -12.09
CA ILE A 385 -14.17 11.76 -12.47
C ILE A 385 -15.66 11.87 -12.75
N ASP A 386 -16.00 11.85 -14.02
CA ASP A 386 -17.37 11.89 -14.46
C ASP A 386 -17.51 11.01 -15.71
N GLY A 387 -18.59 11.17 -16.46
CA GLY A 387 -18.82 10.36 -17.64
C GLY A 387 -19.27 8.96 -17.30
N THR A 388 -19.01 8.04 -18.22
CA THR A 388 -19.38 6.63 -18.15
C THR A 388 -18.89 5.94 -16.88
N TYR A 389 -17.61 6.09 -16.53
CA TYR A 389 -16.99 5.54 -15.32
C TYR A 389 -17.78 5.95 -14.07
N PHE A 390 -18.04 7.26 -13.90
CA PHE A 390 -18.80 7.75 -12.75
C PHE A 390 -20.20 7.13 -12.70
N LYS A 391 -20.88 7.10 -13.85
CA LYS A 391 -22.21 6.51 -13.96
C LYS A 391 -22.24 5.05 -13.50
N ILE A 392 -21.21 4.27 -13.85
CA ILE A 392 -21.13 2.88 -13.41
C ILE A 392 -20.90 2.80 -11.87
N ILE A 393 -20.01 3.64 -11.31
CA ILE A 393 -19.76 3.65 -9.86
C ILE A 393 -21.04 3.98 -9.11
N ARG A 394 -21.76 4.99 -9.61
CA ARG A 394 -23.03 5.41 -9.02
C ARG A 394 -24.05 4.29 -9.04
N ALA A 395 -24.12 3.56 -10.16
CA ALA A 395 -25.03 2.41 -10.28
C ALA A 395 -24.64 1.28 -9.26
N ILE A 396 -23.35 0.97 -9.13
CA ILE A 396 -22.87 -0.03 -8.18
C ILE A 396 -23.31 0.28 -6.73
N TYR A 397 -23.20 1.54 -6.34
CA TYR A 397 -23.56 1.98 -4.99
C TYR A 397 -25.02 2.40 -4.83
N ASP A 398 -25.86 2.19 -5.86
CA ASP A 398 -27.26 2.58 -5.81
C ASP A 398 -28.06 1.79 -4.80
N LYS A 399 -28.15 0.47 -4.95
CA LYS A 399 -28.92 -0.34 -4.02
C LYS A 399 -28.24 -1.66 -3.65
N PRO A 400 -26.95 -1.64 -3.25
CA PRO A 400 -26.33 -2.91 -2.80
C PRO A 400 -26.97 -3.36 -1.49
N THR A 401 -27.08 -4.67 -1.33
CA THR A 401 -27.59 -5.28 -0.10
C THR A 401 -26.54 -6.33 0.38
N ALA A 402 -26.77 -6.93 1.55
CA ALA A 402 -25.93 -8.01 2.04
C ALA A 402 -26.81 -8.99 2.77
N ASN A 403 -26.46 -10.27 2.66
CA ASN A 403 -27.06 -11.35 3.40
C ASN A 403 -25.91 -11.93 4.25
N ILE A 404 -26.04 -11.86 5.59
CA ILE A 404 -25.05 -12.45 6.46
C ILE A 404 -25.20 -13.98 6.44
N ILE A 405 -24.11 -14.73 6.38
CA ILE A 405 -24.17 -16.18 6.49
C ILE A 405 -23.68 -16.49 7.89
N LEU A 406 -24.56 -17.00 8.75
CA LEU A 406 -24.20 -17.28 10.12
C LEU A 406 -24.79 -18.57 10.62
N ASN A 407 -23.95 -19.45 11.16
CA ASN A 407 -24.39 -20.68 11.81
C ASN A 407 -25.39 -21.51 10.99
N GLY A 408 -24.99 -21.86 9.79
CA GLY A 408 -25.77 -22.65 8.84
C GLY A 408 -26.89 -21.91 8.14
N GLN A 409 -27.10 -20.61 8.44
CA GLN A 409 -28.21 -19.87 7.84
C GLN A 409 -27.83 -18.63 7.06
N LYS A 410 -28.62 -18.34 6.02
CA LYS A 410 -28.49 -17.16 5.19
C LYS A 410 -29.53 -16.23 5.75
N LEU A 411 -29.09 -15.15 6.37
CA LEU A 411 -30.01 -14.23 7.03
C LEU A 411 -30.71 -13.31 6.07
N GLU A 412 -31.83 -12.71 6.50
CA GLU A 412 -32.60 -11.79 5.68
C GLU A 412 -31.70 -10.60 5.26
N ALA A 413 -31.78 -10.19 3.99
CA ALA A 413 -30.95 -9.11 3.50
C ALA A 413 -31.27 -7.78 4.17
N PHE A 414 -30.30 -6.88 4.17
CA PHE A 414 -30.45 -5.52 4.60
C PHE A 414 -29.73 -4.65 3.57
N PRO A 415 -30.15 -3.39 3.41
CA PRO A 415 -29.46 -2.52 2.46
C PRO A 415 -28.12 -1.99 2.99
N LEU A 416 -27.15 -1.80 2.08
CA LEU A 416 -25.87 -1.18 2.37
C LEU A 416 -25.99 0.29 2.02
N LYS A 417 -26.69 1.06 2.85
CA LYS A 417 -26.85 2.52 2.65
C LYS A 417 -25.57 3.32 2.97
N THR A 418 -24.61 2.68 3.66
N THR A 418 -24.62 2.70 3.69
CA THR A 418 -23.33 3.24 4.02
CA THR A 418 -23.30 3.25 3.97
C THR A 418 -22.23 2.20 3.67
C THR A 418 -22.25 2.21 3.58
N GLY A 419 -21.03 2.68 3.39
CA GLY A 419 -19.88 1.83 3.16
C GLY A 419 -19.52 1.35 1.79
N THR A 420 -18.33 0.78 1.74
CA THR A 420 -17.78 0.12 0.58
C THR A 420 -17.37 -1.29 1.08
N ARG A 421 -17.77 -2.31 0.34
CA ARG A 421 -17.54 -3.70 0.76
C ARG A 421 -16.10 -4.06 0.99
N GLN A 422 -15.85 -4.82 2.08
CA GLN A 422 -14.53 -5.35 2.35
C GLN A 422 -14.52 -6.67 1.59
N GLY A 423 -13.76 -6.71 0.51
CA GLY A 423 -13.73 -7.87 -0.37
C GLY A 423 -13.97 -7.49 -1.82
N PRO A 425 -12.64 -5.27 -5.06
CA PRO A 425 -11.38 -4.64 -5.50
C PRO A 425 -11.39 -3.12 -5.64
N LEU A 426 -12.55 -2.49 -5.84
CA LEU A 426 -12.66 -1.02 -5.93
C LEU A 426 -12.54 -0.33 -4.58
N SER A 427 -12.96 -1.01 -3.50
CA SER A 427 -13.01 -0.45 -2.15
C SER A 427 -11.71 0.20 -1.65
N PRO A 428 -10.51 -0.42 -1.76
CA PRO A 428 -9.30 0.25 -1.26
C PRO A 428 -8.99 1.60 -1.92
N LEU A 429 -9.24 1.71 -3.23
CA LEU A 429 -8.99 2.96 -3.95
C LEU A 429 -10.02 4.03 -3.62
N LEU A 430 -11.31 3.66 -3.57
CA LEU A 430 -12.36 4.62 -3.24
C LEU A 430 -12.25 5.10 -1.80
N PHE A 431 -11.86 4.21 -0.89
CA PHE A 431 -11.60 4.61 0.50
C PHE A 431 -10.45 5.62 0.55
N ASN A 432 -9.30 5.32 -0.08
CA ASN A 432 -8.14 6.20 -0.05
C ASN A 432 -8.45 7.57 -0.65
N ILE A 433 -9.29 7.62 -1.69
CA ILE A 433 -9.68 8.86 -2.36
C ILE A 433 -10.50 9.73 -1.41
N VAL A 434 -11.39 9.11 -0.61
CA VAL A 434 -12.20 9.83 0.38
C VAL A 434 -11.33 10.33 1.51
N LEU A 435 -10.46 9.45 2.04
CA LEU A 435 -9.55 9.85 3.10
C LEU A 435 -8.58 10.92 2.63
N GLU A 436 -8.21 10.92 1.35
CA GLU A 436 -7.32 11.92 0.79
C GLU A 436 -7.87 13.35 0.95
N VAL A 437 -9.21 13.55 1.00
CA VAL A 437 -9.80 14.86 1.22
C VAL A 437 -9.37 15.39 2.60
N LEU A 438 -9.40 14.52 3.63
CA LEU A 438 -8.96 14.89 4.96
C LEU A 438 -7.44 15.14 4.98
N ALA A 439 -6.68 14.27 4.31
CA ALA A 439 -5.24 14.42 4.25
C ALA A 439 -4.82 15.77 3.62
N ARG A 440 -5.48 16.18 2.53
CA ARG A 440 -5.20 17.45 1.85
C ARG A 440 -5.48 18.60 2.79
N ALA A 441 -6.63 18.54 3.50
CA ALA A 441 -7.08 19.52 4.49
C ALA A 441 -6.08 19.68 5.63
N ILE A 442 -5.56 18.56 6.18
CA ILE A 442 -4.59 18.61 7.25
C ILE A 442 -3.33 19.32 6.79
N ARG A 443 -2.78 18.88 5.64
CA ARG A 443 -1.57 19.46 5.07
C ARG A 443 -1.75 20.94 4.74
N GLN A 444 -2.92 21.33 4.23
CA GLN A 444 -3.19 22.72 3.85
C GLN A 444 -3.52 23.67 5.03
N GLU A 445 -4.03 23.14 6.16
CA GLU A 445 -4.33 23.99 7.32
C GLU A 445 -3.07 24.37 8.08
N LYS A 446 -2.57 25.61 7.87
CA LYS A 446 -1.38 26.12 8.54
C LYS A 446 -1.52 26.17 10.04
N GLU A 447 -2.76 26.33 10.56
CA GLU A 447 -2.96 26.35 12.02
C GLU A 447 -2.84 24.93 12.68
N ILE A 448 -2.62 23.89 11.87
CA ILE A 448 -2.32 22.56 12.37
C ILE A 448 -0.85 22.52 12.03
N LYS A 449 0.00 22.79 13.01
CA LYS A 449 1.42 22.92 12.78
C LYS A 449 2.16 21.61 12.80
N GLY A 450 2.89 21.33 11.74
CA GLY A 450 3.70 20.13 11.63
C GLY A 450 5.08 20.30 12.24
N ILE A 451 5.88 19.23 12.20
CA ILE A 451 7.22 19.28 12.77
C ILE A 451 8.25 19.67 11.71
N GLN A 452 8.94 20.77 11.95
CA GLN A 452 9.94 21.28 11.03
C GLN A 452 11.27 20.59 11.27
N LEU A 453 11.74 19.83 10.30
CA LEU A 453 13.00 19.12 10.34
C LEU A 453 13.88 19.80 9.28
N GLY A 454 14.45 20.94 9.62
CA GLY A 454 15.25 21.72 8.67
C GLY A 454 14.34 22.35 7.64
N LYS A 455 14.58 22.07 6.35
CA LYS A 455 13.69 22.55 5.29
C LYS A 455 12.48 21.60 5.06
N GLU A 456 12.47 20.42 5.71
CA GLU A 456 11.37 19.47 5.57
C GLU A 456 10.29 19.71 6.60
N GLU A 457 9.05 19.96 6.17
CA GLU A 457 7.95 20.04 7.11
C GLU A 457 7.29 18.66 7.08
N VAL A 458 7.26 17.96 8.20
CA VAL A 458 6.57 16.68 8.25
C VAL A 458 5.24 16.90 8.99
N LYS A 459 4.14 16.34 8.48
CA LYS A 459 2.85 16.54 9.14
C LYS A 459 2.02 15.27 9.15
N LEU A 460 2.11 14.47 8.08
CA LEU A 460 1.28 13.28 7.95
C LEU A 460 1.99 12.06 7.37
N SER A 461 1.60 10.85 7.81
CA SER A 461 1.99 9.57 7.21
C SER A 461 0.71 8.75 7.20
N LEU A 462 0.26 8.25 6.02
CA LEU A 462 -0.95 7.42 5.97
C LEU A 462 -0.61 6.00 5.51
N PHE A 463 -1.34 5.02 6.05
CA PHE A 463 -1.25 3.63 5.59
C PHE A 463 -2.68 3.13 5.66
N ALA A 464 -3.40 3.19 4.51
CA ALA A 464 -4.81 2.86 4.38
C ALA A 464 -5.58 3.88 5.33
N ASP A 465 -6.35 3.47 6.38
CA ASP A 465 -7.03 4.38 7.30
C ASP A 465 -6.13 4.85 8.44
N ASP A 466 -4.92 4.28 8.62
CA ASP A 466 -4.04 4.69 9.70
C ASP A 466 -3.33 5.96 9.38
N MET A 467 -3.48 7.00 10.24
CA MET A 467 -2.77 8.25 10.07
C MET A 467 -1.80 8.45 11.22
N ILE A 468 -0.61 8.94 10.94
CA ILE A 468 0.34 9.38 11.97
C ILE A 468 0.43 10.87 11.74
N VAL A 469 0.17 11.68 12.77
CA VAL A 469 0.21 13.14 12.62
C VAL A 469 1.34 13.66 13.49
N TYR A 470 2.23 14.46 12.92
CA TYR A 470 3.39 15.03 13.61
C TYR A 470 3.07 16.50 13.85
N LEU A 471 2.97 16.89 15.13
CA LEU A 471 2.57 18.23 15.48
C LEU A 471 3.56 18.98 16.37
N GLU A 472 3.63 20.28 16.18
CA GLU A 472 4.39 21.19 17.05
C GLU A 472 3.31 22.02 17.77
N ASN A 473 3.60 22.47 18.99
CA ASN A 473 2.64 23.25 19.78
C ASN A 473 1.26 22.58 19.88
N PRO A 474 1.19 21.32 20.37
CA PRO A 474 -0.08 20.60 20.35
C PRO A 474 -1.25 21.26 21.06
N ILE A 475 -1.01 22.16 22.04
CA ILE A 475 -2.13 22.85 22.75
C ILE A 475 -3.05 23.56 21.75
N VAL A 476 -2.48 24.09 20.68
CA VAL A 476 -3.25 24.73 19.63
C VAL A 476 -3.50 23.74 18.45
N SER A 477 -2.41 23.15 17.89
CA SER A 477 -2.42 22.25 16.73
C SER A 477 -3.32 21.00 16.85
N ALA A 478 -3.27 20.29 17.99
CA ALA A 478 -4.11 19.11 18.19
C ALA A 478 -5.57 19.48 18.31
N GLN A 479 -5.87 20.67 18.86
CA GLN A 479 -7.25 21.13 18.99
C GLN A 479 -7.80 21.53 17.62
N ASN A 480 -6.96 22.12 16.75
CA ASN A 480 -7.37 22.45 15.40
C ASN A 480 -7.51 21.16 14.55
N LEU A 481 -6.68 20.13 14.84
CA LEU A 481 -6.74 18.84 14.14
C LEU A 481 -8.07 18.16 14.46
N LEU A 482 -8.42 18.03 15.74
CA LEU A 482 -9.67 17.40 16.16
C LEU A 482 -10.90 18.10 15.61
N LYS A 483 -10.83 19.42 15.51
CA LYS A 483 -11.92 20.23 14.97
C LYS A 483 -12.09 19.96 13.48
N LEU A 484 -11.00 19.92 12.74
CA LEU A 484 -11.02 19.60 11.31
C LEU A 484 -11.57 18.17 11.09
N ILE A 485 -11.11 17.20 11.89
CA ILE A 485 -11.58 15.81 11.79
C ILE A 485 -13.07 15.72 12.08
N SER A 486 -13.55 16.50 13.06
CA SER A 486 -14.97 16.56 13.42
C SER A 486 -15.79 17.08 12.24
N ASN A 487 -15.31 18.12 11.54
CA ASN A 487 -16.02 18.67 10.40
C ASN A 487 -16.03 17.68 9.23
N PHE A 488 -14.92 16.94 9.02
CA PHE A 488 -14.84 15.92 7.96
C PHE A 488 -15.79 14.76 8.28
N SER A 489 -15.86 14.38 9.55
CA SER A 489 -16.70 13.32 10.08
C SER A 489 -18.20 13.60 9.77
N LYS A 490 -18.60 14.87 9.91
CA LYS A 490 -19.99 15.31 9.66
C LYS A 490 -20.43 15.18 8.21
N VAL A 491 -19.49 15.21 7.25
CA VAL A 491 -19.85 15.09 5.85
C VAL A 491 -19.48 13.72 5.22
N SER A 492 -18.52 12.99 5.83
CA SER A 492 -18.02 11.75 5.25
C SER A 492 -18.34 10.47 6.00
N GLY A 493 -18.73 10.59 7.26
CA GLY A 493 -18.97 9.42 8.09
C GLY A 493 -17.73 8.96 8.84
N TYR A 494 -16.56 9.58 8.57
CA TYR A 494 -15.30 9.26 9.25
C TYR A 494 -15.45 9.31 10.78
N LYS A 495 -14.88 8.33 11.47
CA LYS A 495 -14.94 8.30 12.93
C LYS A 495 -13.59 7.79 13.45
N ILE A 496 -13.02 8.47 14.46
CA ILE A 496 -11.79 8.03 15.10
C ILE A 496 -12.10 6.85 15.99
N ASN A 497 -11.33 5.76 15.90
CA ASN A 497 -11.49 4.64 16.82
C ASN A 497 -10.58 5.03 18.02
N VAL A 498 -11.21 5.56 19.06
CA VAL A 498 -10.59 6.04 20.30
C VAL A 498 -9.78 4.95 21.04
N GLN A 499 -10.26 3.70 21.05
CA GLN A 499 -9.56 2.60 21.72
C GLN A 499 -8.30 2.15 20.97
N LYS A 500 -8.25 2.35 19.64
CA LYS A 500 -7.08 1.96 18.86
C LYS A 500 -6.13 3.15 18.56
N SER A 501 -6.48 4.37 19.00
CA SER A 501 -5.67 5.56 18.76
C SER A 501 -4.88 5.94 20.03
N GLN A 502 -3.61 6.35 19.84
CA GLN A 502 -2.70 6.72 20.94
C GLN A 502 -1.79 7.85 20.50
N ALA A 503 -1.12 8.52 21.47
CA ALA A 503 -0.17 9.56 21.12
C ALA A 503 1.04 9.61 22.03
N PHE A 504 2.16 10.09 21.50
CA PHE A 504 3.35 10.41 22.28
C PHE A 504 3.21 11.92 22.45
N LEU A 505 3.39 12.44 23.68
CA LEU A 505 3.26 13.87 23.92
C LEU A 505 4.54 14.37 24.62
N TYR A 506 5.17 15.41 24.08
CA TYR A 506 6.40 15.93 24.64
C TYR A 506 6.25 17.40 24.96
N THR A 507 6.24 17.74 26.25
CA THR A 507 6.16 19.13 26.73
C THR A 507 7.31 19.38 27.74
N ASN A 508 7.48 20.65 28.16
CA ASN A 508 8.54 21.00 29.11
C ASN A 508 8.14 20.85 30.57
N ASN A 509 6.83 20.75 30.86
CA ASN A 509 6.39 20.60 32.25
C ASN A 509 5.09 19.79 32.39
N ARG A 510 4.81 19.30 33.61
CA ARG A 510 3.62 18.50 33.92
C ARG A 510 2.33 19.26 33.74
N GLN A 511 2.35 20.57 33.94
CA GLN A 511 1.17 21.41 33.78
C GLN A 511 0.67 21.40 32.34
N THR A 512 1.54 21.71 31.36
CA THR A 512 1.13 21.71 29.96
C THR A 512 0.77 20.28 29.51
N GLU A 513 1.46 19.28 30.02
CA GLU A 513 1.17 17.90 29.70
C GLU A 513 -0.27 17.52 30.15
N SER A 514 -0.68 17.92 31.37
CA SER A 514 -2.03 17.64 31.88
C SER A 514 -3.08 18.43 31.12
N GLN A 515 -2.80 19.71 30.80
CA GLN A 515 -3.73 20.56 30.07
C GLN A 515 -4.06 19.95 28.71
N ILE A 516 -3.05 19.39 28.03
CA ILE A 516 -3.21 18.78 26.72
C ILE A 516 -3.96 17.44 26.83
N MET A 517 -3.49 16.54 27.71
CA MET A 517 -4.10 15.23 27.95
C MET A 517 -5.61 15.34 28.22
N GLY A 518 -6.00 16.31 29.06
CA GLY A 518 -7.38 16.54 29.43
C GLY A 518 -8.30 17.01 28.31
N GLU A 519 -7.73 17.49 27.20
CA GLU A 519 -8.54 17.95 26.07
C GLU A 519 -8.59 16.98 24.89
N LEU A 520 -8.04 15.77 25.03
CA LEU A 520 -7.98 14.82 23.92
C LEU A 520 -8.78 13.56 24.23
N PRO A 521 -9.40 12.96 23.21
CA PRO A 521 -10.21 11.76 23.45
C PRO A 521 -9.42 10.45 23.55
N PHE A 522 -8.18 10.39 23.06
CA PHE A 522 -7.39 9.14 23.10
C PHE A 522 -6.27 9.21 24.15
N THR A 523 -5.69 8.05 24.48
CA THR A 523 -4.68 7.96 25.52
C THR A 523 -3.28 8.34 25.07
N ILE A 524 -2.46 8.74 26.04
CA ILE A 524 -1.08 9.09 25.81
C ILE A 524 -0.26 7.88 26.19
N ALA A 525 0.61 7.43 25.28
CA ALA A 525 1.48 6.30 25.55
C ALA A 525 2.79 6.85 26.12
N SER A 526 3.32 6.20 27.15
CA SER A 526 4.57 6.66 27.76
C SER A 526 5.78 5.83 27.33
N LYS A 527 5.57 4.67 26.66
CA LYS A 527 6.67 3.82 26.26
C LYS A 527 6.65 3.48 24.76
N ARG A 528 5.52 2.94 24.27
CA ARG A 528 5.49 2.48 22.88
C ARG A 528 4.11 2.56 22.22
N ILE A 529 4.11 2.59 20.88
CA ILE A 529 2.90 2.62 20.07
C ILE A 529 3.13 1.62 18.95
N LYS A 530 2.31 0.58 18.91
CA LYS A 530 2.39 -0.42 17.85
C LYS A 530 1.92 0.22 16.56
N TYR A 531 2.74 0.14 15.53
CA TYR A 531 2.48 0.75 14.24
C TYR A 531 3.02 -0.14 13.18
N LEU A 532 2.15 -0.59 12.26
CA LEU A 532 2.53 -1.43 11.15
C LEU A 532 3.34 -2.66 11.57
N GLY A 533 2.93 -3.28 12.66
CA GLY A 533 3.58 -4.51 13.15
C GLY A 533 4.83 -4.32 13.99
N ILE A 534 5.28 -3.08 14.16
CA ILE A 534 6.50 -2.82 14.95
C ILE A 534 6.15 -1.92 16.13
N GLN A 535 7.10 -1.70 17.05
CA GLN A 535 6.85 -0.79 18.16
C GLN A 535 7.61 0.49 17.96
N LEU A 536 6.89 1.60 17.83
CA LEU A 536 7.49 2.92 17.81
C LEU A 536 7.76 3.20 19.29
N THR A 537 8.96 3.66 19.64
CA THR A 537 9.27 3.94 21.05
C THR A 537 9.36 5.45 21.32
N ARG A 538 8.92 5.88 22.52
CA ARG A 538 8.93 7.29 22.89
C ARG A 538 10.36 7.89 22.80
N ASP A 539 11.37 7.07 23.07
CA ASP A 539 12.78 7.44 22.92
C ASP A 539 13.37 6.40 22.02
N VAL A 540 14.02 6.84 20.90
CA VAL A 540 14.61 5.94 19.90
C VAL A 540 15.68 5.02 20.47
N LYS A 541 16.25 5.32 21.65
CA LYS A 541 17.26 4.45 22.25
C LYS A 541 16.67 3.05 22.60
N ASP A 542 15.32 2.97 22.79
CA ASP A 542 14.62 1.73 23.15
C ASP A 542 14.16 0.87 21.98
N LEU A 543 14.60 1.19 20.74
CA LEU A 543 14.21 0.46 19.53
C LEU A 543 14.61 -1.00 19.55
N PHE A 544 15.91 -1.32 19.85
CA PHE A 544 16.33 -2.73 19.89
C PHE A 544 15.54 -3.51 20.97
N LYS A 545 15.44 -2.94 22.17
CA LYS A 545 14.73 -3.58 23.29
C LYS A 545 13.26 -3.93 22.95
N GLU A 546 12.52 -2.98 22.38
CA GLU A 546 11.11 -3.19 22.09
C GLU A 546 10.80 -3.87 20.76
N ASN A 547 11.80 -4.11 19.92
CA ASN A 547 11.55 -4.73 18.61
C ASN A 547 12.32 -5.99 18.34
N TYR A 548 13.63 -5.97 18.55
CA TYR A 548 14.46 -7.13 18.24
C TYR A 548 14.48 -8.16 19.38
N LYS A 549 14.44 -7.74 20.66
CA LYS A 549 14.37 -8.70 21.77
C LYS A 549 13.05 -9.51 21.69
N PRO A 550 11.86 -8.85 21.60
CA PRO A 550 10.62 -9.62 21.41
C PRO A 550 10.61 -10.49 20.15
N LEU A 551 11.32 -10.10 19.08
CA LEU A 551 11.38 -10.86 17.82
C LEU A 551 12.10 -12.20 18.04
N LEU A 552 13.23 -12.19 18.77
CA LEU A 552 13.97 -13.43 19.06
C LEU A 552 13.10 -14.39 19.87
N LYS A 553 12.32 -13.85 20.82
CA LYS A 553 11.43 -14.62 21.67
C LYS A 553 10.25 -15.20 20.88
N GLU A 554 9.66 -14.40 19.98
CA GLU A 554 8.53 -14.88 19.17
C GLU A 554 9.00 -15.90 18.11
N ILE A 555 10.29 -15.93 17.75
CA ILE A 555 10.81 -16.94 16.83
C ILE A 555 10.98 -18.28 17.58
N LYS A 556 11.39 -18.24 18.87
CA LYS A 556 11.44 -19.44 19.72
C LYS A 556 10.02 -20.01 19.92
N GLU A 557 9.00 -19.13 19.98
CA GLU A 557 7.60 -19.51 20.10
C GLU A 557 7.04 -20.14 18.80
N GLU A 558 7.60 -19.76 17.64
CA GLU A 558 7.21 -20.34 16.36
C GLU A 558 7.79 -21.75 16.25
N THR A 559 9.07 -21.93 16.67
CA THR A 559 9.74 -23.23 16.60
C THR A 559 9.27 -24.22 17.67
N ASN A 560 8.68 -23.73 18.77
CA ASN A 560 8.16 -24.62 19.81
C ASN A 560 6.85 -25.22 19.30
N LYS A 561 5.97 -24.39 18.75
CA LYS A 561 4.70 -24.85 18.17
C LYS A 561 4.91 -25.20 16.69
N TRP A 562 5.81 -26.17 16.41
CA TRP A 562 6.14 -26.66 15.08
C TRP A 562 6.98 -27.94 15.15
N PRO A 566 6.87 -33.38 12.87
CA PRO A 566 6.35 -34.24 11.80
C PRO A 566 6.83 -33.75 10.43
N CYS A 567 8.14 -33.45 10.32
CA CYS A 567 8.67 -32.93 9.06
C CYS A 567 10.14 -33.26 8.83
N SER A 568 10.50 -33.55 7.57
CA SER A 568 11.89 -33.81 7.18
C SER A 568 12.74 -32.54 7.38
N TRP A 569 14.08 -32.69 7.47
CA TRP A 569 14.96 -31.52 7.62
C TRP A 569 14.91 -30.60 6.39
N VAL A 570 14.59 -31.15 5.20
CA VAL A 570 14.45 -30.35 3.98
C VAL A 570 13.14 -29.54 4.03
N GLY A 571 12.08 -30.15 4.55
CA GLY A 571 10.81 -29.49 4.73
C GLY A 571 10.84 -28.46 5.85
N ARG A 572 11.65 -28.72 6.90
CA ARG A 572 11.84 -27.81 8.04
C ARG A 572 12.62 -26.57 7.64
N ILE A 573 13.55 -26.71 6.67
CA ILE A 573 14.28 -25.57 6.12
C ILE A 573 13.28 -24.66 5.37
N ASN A 574 12.28 -25.26 4.70
CA ASN A 574 11.22 -24.55 4.01
C ASN A 574 10.28 -23.84 4.99
N ILE A 575 10.07 -24.37 6.20
CA ILE A 575 9.22 -23.70 7.20
C ILE A 575 9.91 -22.43 7.73
N VAL A 576 11.23 -22.47 7.86
CA VAL A 576 12.04 -21.32 8.28
C VAL A 576 11.99 -20.26 7.18
N LYS A 577 12.12 -20.67 5.92
CA LYS A 577 12.06 -19.79 4.77
C LYS A 577 10.68 -19.17 4.52
N MET A 578 9.59 -19.95 4.72
N MET A 578 9.59 -19.94 4.71
CA MET A 578 8.22 -19.51 4.47
CA MET A 578 8.25 -19.44 4.43
C MET A 578 7.66 -18.65 5.59
C MET A 578 7.62 -18.67 5.59
N ALA A 579 7.98 -18.98 6.84
CA ALA A 579 7.38 -18.29 7.97
C ALA A 579 8.31 -17.46 8.83
N ILE A 580 9.56 -17.92 9.06
CA ILE A 580 10.48 -17.15 9.91
C ILE A 580 11.11 -15.98 9.14
N LEU A 581 11.70 -16.27 7.97
CA LEU A 581 12.40 -15.31 7.13
C LEU A 581 11.58 -14.06 6.83
N PRO A 582 10.31 -14.13 6.36
CA PRO A 582 9.58 -12.86 6.13
C PRO A 582 9.37 -12.00 7.37
N LYS A 583 9.21 -12.58 8.57
CA LYS A 583 9.04 -11.79 9.80
C LYS A 583 10.32 -11.01 10.13
N VAL A 584 11.46 -11.66 9.92
CA VAL A 584 12.79 -11.14 10.20
C VAL A 584 13.14 -10.03 9.19
N ILE A 585 12.90 -10.28 7.90
CA ILE A 585 13.17 -9.29 6.85
C ILE A 585 12.28 -8.08 7.05
N TYR A 586 11.01 -8.30 7.41
CA TYR A 586 10.07 -7.21 7.65
C TYR A 586 10.58 -6.27 8.74
N ARG A 587 11.08 -6.84 9.85
CA ARG A 587 11.60 -6.03 10.95
C ARG A 587 12.84 -5.25 10.52
N PHE A 588 13.75 -5.89 9.76
CA PHE A 588 14.97 -5.24 9.27
C PHE A 588 14.62 -4.05 8.36
N ASN A 589 13.62 -4.23 7.50
CA ASN A 589 13.19 -3.21 6.57
C ASN A 589 12.57 -2.04 7.30
N ALA A 590 11.78 -2.31 8.33
CA ALA A 590 11.18 -1.28 9.16
C ALA A 590 12.23 -0.50 9.97
N ILE A 591 13.18 -1.22 10.60
CA ILE A 591 14.11 -0.59 11.53
C ILE A 591 15.52 -1.12 11.27
N PRO A 592 16.18 -0.67 10.16
CA PRO A 592 17.52 -1.18 9.86
C PRO A 592 18.63 -0.58 10.72
N ILE A 593 18.48 -0.61 12.05
CA ILE A 593 19.51 -0.13 12.96
C ILE A 593 20.67 -1.15 13.06
N LYS A 594 21.82 -0.71 13.61
CA LYS A 594 22.95 -1.60 13.82
C LYS A 594 22.56 -2.62 14.90
N LEU A 595 22.63 -3.92 14.60
CA LEU A 595 22.28 -4.96 15.55
C LEU A 595 23.55 -5.64 16.06
N PRO A 596 23.58 -6.04 17.35
CA PRO A 596 24.75 -6.77 17.87
C PRO A 596 24.86 -8.16 17.27
N MET A 597 26.09 -8.71 17.22
CA MET A 597 26.30 -10.07 16.71
C MET A 597 25.49 -11.12 17.50
N THR A 598 25.23 -10.84 18.78
CA THR A 598 24.49 -11.72 19.66
C THR A 598 23.09 -12.03 19.11
N PHE A 599 22.47 -11.04 18.41
CA PHE A 599 21.15 -11.23 17.81
C PHE A 599 21.20 -12.38 16.79
N PHE A 600 22.19 -12.35 15.91
CA PHE A 600 22.33 -13.35 14.85
C PHE A 600 22.76 -14.70 15.41
N THR A 601 23.57 -14.71 16.46
CA THR A 601 24.01 -15.93 17.10
C THR A 601 22.81 -16.65 17.72
N GLU A 602 21.96 -15.93 18.45
CA GLU A 602 20.76 -16.53 19.04
C GLU A 602 19.75 -16.95 17.94
N LEU A 603 19.64 -16.15 16.86
CA LEU A 603 18.74 -16.48 15.77
C LEU A 603 19.19 -17.73 15.02
N GLU A 604 20.51 -17.90 14.85
CA GLU A 604 21.07 -19.09 14.20
C GLU A 604 20.85 -20.32 15.07
N LYS A 605 20.97 -20.17 16.40
CA LYS A 605 20.79 -21.28 17.34
C LYS A 605 19.34 -21.79 17.30
N THR A 606 18.36 -20.89 17.44
CA THR A 606 16.94 -21.23 17.43
C THR A 606 16.52 -21.90 16.12
N THR A 607 17.10 -21.45 15.00
CA THR A 607 16.79 -21.94 13.67
C THR A 607 17.43 -23.30 13.36
N LEU A 608 18.74 -23.44 13.64
CA LEU A 608 19.45 -24.69 13.39
C LEU A 608 18.89 -25.82 14.25
N LYS A 609 18.52 -25.51 15.51
CA LYS A 609 17.94 -26.50 16.41
C LYS A 609 16.61 -27.02 15.85
N PHE A 610 15.78 -26.12 15.31
CA PHE A 610 14.49 -26.52 14.73
C PHE A 610 14.70 -27.41 13.50
N ILE A 611 15.71 -27.14 12.68
CA ILE A 611 15.97 -27.91 11.47
C ILE A 611 16.54 -29.31 11.77
N TRP A 612 17.60 -29.38 12.59
CA TRP A 612 18.25 -30.66 12.92
C TRP A 612 17.66 -31.37 14.13
N ASN A 613 16.51 -30.90 14.65
CA ASN A 613 15.82 -31.49 15.82
C ASN A 613 16.74 -31.65 17.05
N GLN A 614 17.59 -30.64 17.31
CA GLN A 614 18.56 -30.58 18.41
C GLN A 614 19.54 -31.76 18.40
N THR A 634 20.12 -25.01 0.09
CA THR A 634 20.59 -23.73 0.62
C THR A 634 19.79 -23.29 1.86
N LEU A 635 20.50 -22.84 2.89
CA LEU A 635 19.85 -22.37 4.11
C LEU A 635 19.79 -20.83 4.09
N PRO A 636 18.74 -20.20 4.65
CA PRO A 636 18.70 -18.73 4.67
C PRO A 636 19.81 -18.12 5.54
N ASP A 637 20.62 -17.25 4.96
CA ASP A 637 21.69 -16.58 5.71
C ASP A 637 21.12 -15.26 6.24
N PHE A 638 20.69 -15.26 7.49
CA PHE A 638 20.09 -14.10 8.14
C PHE A 638 21.01 -12.89 8.21
N LYS A 639 22.34 -13.11 8.35
CA LYS A 639 23.33 -12.03 8.38
C LYS A 639 23.41 -11.38 7.01
N LEU A 640 23.32 -12.17 5.94
CA LEU A 640 23.37 -11.62 4.59
C LEU A 640 22.03 -10.98 4.19
N TYR A 641 20.90 -11.47 4.71
CA TYR A 641 19.61 -10.82 4.46
C TYR A 641 19.59 -9.45 5.17
N TYR A 642 20.21 -9.37 6.36
CA TYR A 642 20.32 -8.14 7.12
C TYR A 642 21.17 -7.15 6.35
N LYS A 643 22.33 -7.59 5.86
CA LYS A 643 23.25 -6.78 5.07
C LYS A 643 22.58 -6.26 3.81
N ALA A 644 21.83 -7.15 3.11
CA ALA A 644 21.15 -6.76 1.89
C ALA A 644 20.09 -5.67 2.16
N THR A 645 19.31 -5.81 3.24
CA THR A 645 18.26 -4.90 3.61
C THR A 645 18.81 -3.53 4.03
N VAL A 646 19.91 -3.55 4.82
CA VAL A 646 20.58 -2.35 5.29
C VAL A 646 21.17 -1.59 4.10
N THR A 647 21.87 -2.31 3.20
CA THR A 647 22.55 -1.72 2.06
C THR A 647 21.61 -1.25 0.98
N LYS A 648 20.43 -1.89 0.85
CA LYS A 648 19.41 -1.55 -0.14
C LYS A 648 19.04 -0.05 -0.15
N THR A 649 19.11 0.60 1.02
CA THR A 649 18.77 2.03 1.16
C THR A 649 19.61 2.90 0.19
N ALA A 650 20.85 2.46 -0.11
CA ALA A 650 21.74 3.18 -1.04
C ALA A 650 21.11 3.36 -2.42
N TRP A 651 20.17 2.49 -2.84
CA TRP A 651 19.49 2.62 -4.13
C TRP A 651 18.66 3.91 -4.15
N TYR A 652 17.98 4.19 -3.03
CA TYR A 652 17.15 5.39 -2.88
C TYR A 652 18.02 6.66 -2.85
N TRP A 653 19.24 6.57 -2.26
CA TRP A 653 20.19 7.69 -2.23
C TRP A 653 20.53 8.11 -3.65
N TYR A 654 20.83 7.14 -4.52
CA TYR A 654 21.17 7.37 -5.91
C TYR A 654 19.99 7.87 -6.77
N GLN A 655 18.79 7.32 -6.55
CA GLN A 655 17.62 7.75 -7.32
C GLN A 655 17.16 9.15 -7.00
N ASN A 656 17.38 9.60 -5.75
CA ASN A 656 17.07 10.95 -5.30
C ASN A 656 15.66 11.40 -5.72
N ARG A 657 14.63 10.65 -5.28
CA ARG A 657 13.25 10.91 -5.69
C ARG A 657 12.57 11.93 -4.76
N ASP A 658 11.72 12.79 -5.32
CA ASP A 658 10.99 13.80 -4.56
C ASP A 658 10.05 13.15 -3.54
N ILE A 659 9.46 12.01 -3.88
CA ILE A 659 8.54 11.33 -2.98
C ILE A 659 9.21 10.76 -1.75
N ASP A 660 10.53 10.51 -1.78
CA ASP A 660 11.23 9.92 -0.65
C ASP A 660 11.56 10.89 0.50
N GLN A 661 10.54 11.57 1.04
CA GLN A 661 10.74 12.47 2.19
C GLN A 661 11.31 11.73 3.39
N TRP A 662 10.96 10.42 3.58
CA TRP A 662 11.51 9.59 4.66
C TRP A 662 13.06 9.60 4.64
N ASN A 663 13.64 9.67 3.43
CA ASN A 663 15.09 9.66 3.27
C ASN A 663 15.77 11.01 3.60
N ARG A 664 14.99 12.09 3.72
CA ARG A 664 15.50 13.41 4.02
C ARG A 664 15.16 13.85 5.48
N THR A 665 14.90 12.88 6.39
CA THR A 665 14.51 13.20 7.76
C THR A 665 15.59 12.98 8.83
N GLU A 666 16.79 12.54 8.48
CA GLU A 666 17.83 12.32 9.49
C GLU A 666 18.41 13.64 10.03
N PRO A 667 18.95 13.65 11.27
CA PRO A 667 19.48 14.92 11.83
C PRO A 667 20.52 15.63 10.99
N SER A 668 21.18 14.92 10.05
CA SER A 668 22.14 15.50 9.13
C SER A 668 21.47 16.59 8.27
N TYR A 675 25.06 17.11 5.44
CA TYR A 675 26.10 16.31 4.78
C TYR A 675 25.49 15.05 4.19
N ASN A 676 24.98 15.14 2.94
CA ASN A 676 24.31 14.08 2.19
C ASN A 676 25.03 12.74 2.15
N TYR A 677 24.25 11.68 2.10
CA TYR A 677 24.76 10.33 1.93
C TYR A 677 24.58 10.05 0.44
N LEU A 678 25.70 9.91 -0.27
CA LEU A 678 25.71 9.70 -1.71
C LEU A 678 26.61 8.54 -2.11
N ILE A 679 26.13 7.68 -3.01
CA ILE A 679 26.92 6.60 -3.58
C ILE A 679 27.44 7.04 -4.98
N PHE A 680 28.53 6.39 -5.44
CA PHE A 680 29.20 6.69 -6.71
C PHE A 680 29.61 8.16 -6.75
N ASP A 681 30.12 8.68 -5.61
CA ASP A 681 30.57 10.05 -5.48
C ASP A 681 31.67 10.18 -4.42
N LYS A 682 32.40 11.30 -4.47
CA LYS A 682 33.46 11.66 -3.56
C LYS A 682 32.84 11.83 -2.17
N PRO A 683 33.33 11.10 -1.18
CA PRO A 683 32.75 11.24 0.17
C PRO A 683 33.19 12.54 0.84
N GLU A 684 32.34 13.06 1.74
CA GLU A 684 32.66 14.28 2.48
C GLU A 684 33.45 13.97 3.76
N LYS A 685 33.96 15.02 4.46
CA LYS A 685 34.75 14.88 5.69
C LYS A 685 33.94 14.25 6.84
N ASN A 686 32.65 14.61 6.97
CA ASN A 686 31.70 14.10 7.97
C ASN A 686 32.19 14.21 9.42
N GLY A 690 24.98 11.67 10.04
CA GLY A 690 25.90 12.28 10.99
C GLY A 690 26.33 11.32 12.08
N LYS A 691 26.83 11.86 13.21
CA LYS A 691 27.26 11.02 14.34
C LYS A 691 26.08 10.30 14.96
N ASP A 692 24.92 10.98 15.05
CA ASP A 692 23.72 10.39 15.64
C ASP A 692 22.70 9.97 14.57
N SER A 693 23.15 9.23 13.55
CA SER A 693 22.31 8.73 12.48
C SER A 693 21.80 7.36 12.88
N LEU A 694 20.48 7.14 12.79
CA LEU A 694 19.91 5.84 13.14
C LEU A 694 20.09 4.84 12.02
N PHE A 695 20.01 5.30 10.76
CA PHE A 695 20.02 4.39 9.63
C PHE A 695 21.08 4.62 8.56
N ASN A 696 21.23 5.84 8.07
CA ASN A 696 22.12 6.14 6.94
C ASN A 696 23.59 5.89 7.16
N LYS A 697 24.12 6.26 8.34
CA LYS A 697 25.53 6.04 8.62
C LYS A 697 25.87 4.56 8.60
N TRP A 698 24.98 3.74 9.18
CA TRP A 698 25.14 2.31 9.23
C TRP A 698 25.05 1.70 7.82
N CYS A 699 24.14 2.24 6.98
CA CYS A 699 24.00 1.83 5.59
C CYS A 699 25.33 2.07 4.84
N TRP A 700 25.89 3.27 5.02
CA TRP A 700 27.14 3.74 4.41
C TRP A 700 28.30 2.84 4.79
N GLU A 701 28.40 2.45 6.06
CA GLU A 701 29.48 1.59 6.54
C GLU A 701 29.42 0.21 5.92
N ASN A 702 28.21 -0.32 5.74
CA ASN A 702 28.00 -1.61 5.08
C ASN A 702 28.31 -1.52 3.59
N TRP A 703 27.90 -0.43 2.96
CA TRP A 703 28.15 -0.16 1.54
C TRP A 703 29.65 -0.18 1.25
N LEU A 704 30.44 0.56 2.05
CA LEU A 704 31.89 0.64 1.90
C LEU A 704 32.59 -0.71 2.13
N ALA A 705 32.14 -1.46 3.16
CA ALA A 705 32.68 -2.78 3.47
C ALA A 705 32.44 -3.76 2.33
N ILE A 706 31.26 -3.70 1.68
CA ILE A 706 30.97 -4.58 0.56
C ILE A 706 31.81 -4.20 -0.66
N CYS A 707 31.97 -2.88 -0.90
CA CYS A 707 32.79 -2.40 -2.01
C CYS A 707 34.26 -2.78 -1.83
N ARG A 708 34.75 -2.80 -0.57
CA ARG A 708 36.12 -3.21 -0.23
C ARG A 708 36.27 -4.71 -0.59
N LYS A 709 35.31 -5.53 -0.17
CA LYS A 709 35.28 -6.98 -0.43
C LYS A 709 35.27 -7.28 -1.95
N LEU A 710 34.62 -6.41 -2.73
CA LEU A 710 34.57 -6.52 -4.19
C LEU A 710 35.80 -5.97 -4.90
N LYS A 711 36.77 -5.39 -4.18
CA LYS A 711 37.96 -4.74 -4.72
C LYS A 711 37.53 -3.65 -5.72
N LEU A 712 36.50 -2.88 -5.35
CA LEU A 712 35.91 -1.89 -6.23
C LEU A 712 36.12 -0.48 -5.70
N ASP A 713 36.54 0.44 -6.59
CA ASP A 713 36.65 1.85 -6.21
C ASP A 713 35.23 2.38 -6.41
N PRO A 714 34.51 2.74 -5.33
CA PRO A 714 33.13 3.17 -5.50
C PRO A 714 32.91 4.67 -5.49
N PHE A 715 33.98 5.47 -5.57
CA PHE A 715 33.84 6.92 -5.48
C PHE A 715 33.75 7.62 -6.83
N LEU A 716 34.44 7.12 -7.84
CA LEU A 716 34.46 7.74 -9.17
C LEU A 716 34.30 6.59 -10.14
N THR A 717 33.11 6.47 -10.72
CA THR A 717 32.76 5.29 -11.49
C THR A 717 32.02 5.63 -12.81
N PRO A 718 31.65 4.63 -13.64
CA PRO A 718 30.82 4.90 -14.83
C PRO A 718 29.40 5.40 -14.49
N TYR A 719 28.98 5.32 -13.22
CA TYR A 719 27.67 5.79 -12.81
C TYR A 719 27.71 7.08 -11.99
N THR A 720 28.92 7.68 -11.78
CA THR A 720 29.04 8.97 -11.12
C THR A 720 28.30 10.00 -11.96
N LYS A 721 27.46 10.79 -11.31
CA LYS A 721 26.63 11.77 -11.95
C LYS A 721 27.39 13.03 -12.33
N ILE A 722 26.85 13.79 -13.29
CA ILE A 722 27.35 15.12 -13.62
C ILE A 722 27.03 16.02 -12.41
N ASN A 723 25.82 15.89 -11.83
CA ASN A 723 25.45 16.63 -10.64
C ASN A 723 26.00 15.86 -9.47
N SER A 724 27.31 16.01 -9.25
CA SER A 724 28.01 15.30 -8.19
C SER A 724 28.96 16.26 -7.49
N ARG A 725 29.44 15.87 -6.29
CA ARG A 725 30.46 16.60 -5.54
C ARG A 725 31.73 16.66 -6.37
N TRP A 726 32.06 15.61 -7.17
CA TRP A 726 33.23 15.66 -8.06
C TRP A 726 33.21 16.89 -8.99
N ILE A 727 32.07 17.14 -9.66
CA ILE A 727 31.90 18.26 -10.59
C ILE A 727 31.69 19.58 -9.87
N LYS A 728 30.85 19.58 -8.82
CA LYS A 728 30.62 20.79 -8.04
C LYS A 728 31.87 21.31 -7.34
N ASP A 729 32.79 20.43 -6.92
CA ASP A 729 34.05 20.86 -6.27
C ASP A 729 35.01 21.58 -7.23
N LEU A 730 34.83 21.40 -8.56
CA LEU A 730 35.60 22.16 -9.54
C LEU A 730 35.09 23.64 -9.58
N ASN A 731 34.06 24.00 -8.79
CA ASN A 731 33.43 25.33 -8.77
C ASN A 731 32.71 25.58 -10.09
N VAL A 732 32.04 24.53 -10.60
CA VAL A 732 31.27 24.60 -11.83
C VAL A 732 29.87 25.18 -11.48
N LYS A 733 29.27 25.95 -12.39
CA LYS A 733 27.95 26.55 -12.17
CA LYS A 733 27.96 26.56 -12.16
C LYS A 733 26.84 25.51 -12.32
N PRO A 734 25.74 25.61 -11.54
CA PRO A 734 24.62 24.68 -11.70
C PRO A 734 23.96 24.73 -13.09
N LYS A 735 24.05 25.89 -13.77
CA LYS A 735 23.54 26.06 -15.13
C LYS A 735 24.33 25.16 -16.10
N THR A 736 25.67 25.04 -15.89
CA THR A 736 26.51 24.19 -16.72
C THR A 736 26.09 22.72 -16.55
N ILE A 737 25.87 22.30 -15.28
CA ILE A 737 25.45 20.95 -14.95
C ILE A 737 24.12 20.63 -15.64
N LYS A 738 23.14 21.55 -15.52
CA LYS A 738 21.82 21.42 -16.13
C LYS A 738 21.92 21.33 -17.66
N THR A 739 22.76 22.15 -18.27
CA THR A 739 22.95 22.12 -19.71
C THR A 739 23.53 20.77 -20.15
N LEU A 740 24.51 20.23 -19.41
CA LEU A 740 25.10 18.95 -19.74
C LEU A 740 24.07 17.83 -19.58
N GLU A 741 23.24 17.87 -18.51
CA GLU A 741 22.20 16.87 -18.25
C GLU A 741 21.13 16.85 -19.36
N GLU A 742 20.59 18.02 -19.70
CA GLU A 742 19.53 18.14 -20.70
C GLU A 742 19.96 17.81 -22.12
N ASN A 743 21.24 17.94 -22.42
CA ASN A 743 21.74 17.69 -23.76
C ASN A 743 22.40 16.34 -23.90
N LEU A 744 23.10 15.86 -22.85
CA LEU A 744 23.91 14.64 -23.00
C LEU A 744 23.60 13.43 -22.13
N GLY A 745 22.91 13.59 -21.00
CA GLY A 745 22.64 12.47 -20.10
C GLY A 745 22.88 12.83 -18.64
N ILE A 746 22.97 11.85 -17.74
CA ILE A 746 23.09 12.17 -16.32
C ILE A 746 24.47 11.91 -15.70
N THR A 747 25.30 11.06 -16.31
CA THR A 747 26.59 10.68 -15.76
C THR A 747 27.80 11.38 -16.39
N ILE A 748 28.94 11.42 -15.68
CA ILE A 748 30.18 11.96 -16.25
C ILE A 748 30.58 11.13 -17.52
N GLN A 749 30.34 9.82 -17.48
CA GLN A 749 30.59 8.92 -18.60
C GLN A 749 29.78 9.37 -19.84
N ASP A 750 28.54 9.86 -19.64
CA ASP A 750 27.71 10.35 -20.74
C ASP A 750 28.36 11.51 -21.44
N ILE A 751 29.06 12.39 -20.70
CA ILE A 751 29.70 13.52 -21.33
C ILE A 751 31.06 13.11 -21.99
N GLY A 752 31.68 12.03 -21.52
CA GLY A 752 32.94 11.54 -22.07
C GLY A 752 34.16 11.92 -21.27
N VAL A 753 35.06 10.95 -21.05
CA VAL A 753 36.32 11.19 -20.36
C VAL A 753 37.50 10.91 -21.32
N GLY A 754 38.68 11.43 -21.00
CA GLY A 754 39.87 11.29 -21.85
C GLY A 754 39.65 11.89 -23.23
N LYS A 755 40.05 11.15 -24.27
CA LYS A 755 39.89 11.54 -25.67
C LYS A 755 38.42 11.73 -26.07
N ASP A 756 37.49 11.06 -25.36
CA ASP A 756 36.04 11.12 -25.60
C ASP A 756 35.37 12.36 -25.00
N PHE A 757 36.10 13.22 -24.28
CA PHE A 757 35.50 14.40 -23.63
C PHE A 757 34.69 15.26 -24.58
N MET A 758 33.38 15.29 -24.38
CA MET A 758 32.42 16.05 -25.18
C MET A 758 32.65 15.88 -26.72
N SER A 759 32.97 14.65 -27.14
CA SER A 759 33.21 14.40 -28.55
C SER A 759 32.68 13.07 -29.07
N LYS A 760 31.94 12.31 -28.23
CA LYS A 760 31.40 11.02 -28.65
C LYS A 760 30.32 11.14 -29.72
N THR A 761 29.58 12.25 -29.71
CA THR A 761 28.52 12.50 -30.67
C THR A 761 28.62 13.95 -31.20
N PRO A 762 27.99 14.24 -32.35
CA PRO A 762 27.95 15.62 -32.83
C PRO A 762 27.19 16.52 -31.84
N LYS A 763 26.21 15.95 -31.13
CA LYS A 763 25.42 16.66 -30.13
C LYS A 763 26.34 17.11 -28.96
N ALA A 764 27.27 16.24 -28.55
CA ALA A 764 28.20 16.55 -27.45
C ALA A 764 29.20 17.65 -27.84
N MET A 765 29.74 17.57 -29.08
CA MET A 765 30.69 18.57 -29.59
C MET A 765 30.05 19.95 -29.66
N ALA A 766 28.80 20.02 -30.15
CA ALA A 766 28.08 21.28 -30.24
C ALA A 766 27.68 21.82 -28.87
N THR A 767 27.38 20.92 -27.92
CA THR A 767 26.97 21.33 -26.57
C THR A 767 28.09 22.19 -25.88
N LYS A 768 29.36 22.04 -26.28
CA LYS A 768 30.48 22.82 -25.76
C LYS A 768 30.24 24.32 -25.88
N ASP A 769 29.52 24.74 -26.94
CA ASP A 769 29.19 26.14 -27.23
C ASP A 769 28.12 26.70 -26.31
N LYS A 770 27.33 25.85 -25.65
CA LYS A 770 26.31 26.32 -24.71
C LYS A 770 26.88 26.43 -23.25
N ILE A 771 28.10 25.93 -23.03
CA ILE A 771 28.73 25.90 -21.71
C ILE A 771 29.61 27.14 -21.54
N ASP A 772 29.57 27.72 -20.35
CA ASP A 772 30.42 28.82 -19.92
C ASP A 772 31.89 28.47 -20.18
N LYS A 773 32.65 29.39 -20.79
CA LYS A 773 34.06 29.24 -21.17
C LYS A 773 34.97 28.73 -20.05
N TRP A 774 34.82 29.28 -18.85
CA TRP A 774 35.65 28.93 -17.71
C TRP A 774 35.29 27.54 -17.22
N ASP A 775 33.99 27.23 -17.15
CA ASP A 775 33.54 25.89 -16.75
C ASP A 775 33.99 24.83 -17.74
N LEU A 776 34.01 25.15 -19.04
CA LEU A 776 34.45 24.19 -20.05
C LEU A 776 35.91 23.78 -19.81
N ILE A 777 36.78 24.76 -19.49
CA ILE A 777 38.18 24.50 -19.16
C ILE A 777 38.28 23.62 -17.90
N LYS A 778 37.51 23.94 -16.83
CA LYS A 778 37.53 23.12 -15.60
C LYS A 778 37.12 21.68 -15.88
N LEU A 779 36.02 21.50 -16.65
CA LEU A 779 35.49 20.20 -17.00
C LEU A 779 36.48 19.44 -17.82
N LYS A 780 37.10 20.09 -18.82
CA LYS A 780 38.08 19.40 -19.67
C LYS A 780 39.25 18.92 -18.83
N SER A 781 39.78 19.78 -17.97
CA SER A 781 40.87 19.44 -17.08
C SER A 781 40.53 18.21 -16.22
N PHE A 782 39.32 18.19 -15.63
CA PHE A 782 38.89 17.05 -14.83
C PHE A 782 38.66 15.78 -15.64
N CYS A 783 37.81 15.86 -16.69
CA CYS A 783 37.44 14.69 -17.49
C CYS A 783 38.58 14.07 -18.27
N THR A 784 39.52 14.90 -18.69
CA THR A 784 40.67 14.52 -19.53
C THR A 784 41.85 13.95 -18.68
N ALA A 785 41.85 14.14 -17.35
CA ALA A 785 42.90 13.60 -16.47
C ALA A 785 42.96 12.09 -16.57
N LYS A 786 44.16 11.52 -16.46
CA LYS A 786 44.39 10.07 -16.55
C LYS A 786 43.64 9.30 -15.46
N GLU A 787 43.64 9.83 -14.23
CA GLU A 787 42.97 9.19 -13.10
C GLU A 787 41.46 9.15 -13.33
N THR A 788 40.89 10.25 -13.86
CA THR A 788 39.46 10.30 -14.12
C THR A 788 39.07 9.30 -15.22
N THR A 789 39.84 9.26 -16.31
CA THR A 789 39.61 8.38 -17.46
C THR A 789 39.60 6.92 -17.08
N ILE A 790 40.52 6.50 -16.22
CA ILE A 790 40.62 5.10 -15.80
C ILE A 790 39.46 4.70 -14.90
N ARG A 791 39.11 5.55 -13.96
CA ARG A 791 38.02 5.28 -13.03
C ARG A 791 36.62 5.33 -13.69
N VAL A 792 36.36 6.31 -14.57
CA VAL A 792 35.05 6.46 -15.21
C VAL A 792 34.83 5.57 -16.45
N ASN A 793 35.85 5.40 -17.31
CA ASN A 793 35.70 4.62 -18.54
C ASN A 793 35.78 3.09 -18.36
N ARG A 794 35.89 2.61 -17.12
CA ARG A 794 35.98 1.17 -16.87
C ARG A 794 34.60 0.46 -17.02
N GLN A 795 34.60 -0.88 -16.93
CA GLN A 795 33.37 -1.63 -17.07
C GLN A 795 32.67 -1.76 -15.71
N PRO A 796 31.37 -1.48 -15.66
CA PRO A 796 30.65 -1.61 -14.38
C PRO A 796 30.38 -3.04 -13.95
N THR A 797 30.57 -3.32 -12.66
CA THR A 797 30.31 -4.64 -12.07
C THR A 797 28.78 -4.90 -11.93
N THR A 798 28.39 -6.15 -11.67
CA THR A 798 27.00 -6.53 -11.45
C THR A 798 26.44 -5.77 -10.25
N TRP A 799 27.25 -5.66 -9.17
CA TRP A 799 26.89 -4.92 -7.97
C TRP A 799 26.51 -3.47 -8.29
N GLU A 800 27.36 -2.75 -9.06
CA GLU A 800 27.07 -1.36 -9.42
C GLU A 800 25.81 -1.23 -10.26
N LYS A 801 25.55 -2.19 -11.16
CA LYS A 801 24.36 -2.16 -12.00
C LYS A 801 23.08 -2.29 -11.17
N ILE A 802 23.11 -3.07 -10.08
CA ILE A 802 21.96 -3.21 -9.18
C ILE A 802 21.56 -1.84 -8.59
N PHE A 803 22.56 -1.04 -8.22
CA PHE A 803 22.35 0.25 -7.57
C PHE A 803 22.18 1.44 -8.49
N ALA A 804 22.46 1.28 -9.79
CA ALA A 804 22.36 2.44 -10.67
C ALA A 804 21.42 2.30 -11.84
N THR A 805 21.34 1.11 -12.44
CA THR A 805 20.56 0.96 -13.67
C THR A 805 19.10 0.54 -13.51
N TYR A 806 18.60 0.38 -12.28
CA TYR A 806 17.20 -0.01 -12.12
C TYR A 806 16.32 1.13 -11.72
N SER A 807 15.32 1.49 -12.56
CA SER A 807 14.35 2.54 -12.27
C SER A 807 13.28 2.07 -11.24
N SER A 808 13.09 0.74 -11.10
CA SER A 808 12.18 0.17 -10.14
C SER A 808 12.97 -0.40 -8.95
N ASP A 809 12.38 -0.32 -7.77
CA ASP A 809 12.99 -0.87 -6.57
C ASP A 809 12.52 -2.31 -6.26
N LYS A 810 11.70 -2.92 -7.14
CA LYS A 810 11.17 -4.25 -6.90
C LYS A 810 12.27 -5.31 -6.91
N GLY A 811 12.22 -6.21 -5.93
CA GLY A 811 13.18 -7.31 -5.85
C GLY A 811 14.59 -6.96 -5.41
N LEU A 812 14.78 -5.76 -4.85
CA LEU A 812 16.11 -5.30 -4.41
C LEU A 812 16.76 -6.25 -3.39
N ILE A 813 16.04 -6.67 -2.33
CA ILE A 813 16.60 -7.63 -1.35
C ILE A 813 17.08 -8.92 -2.03
N SER A 814 16.24 -9.56 -2.88
CA SER A 814 16.61 -10.79 -3.59
C SER A 814 17.89 -10.60 -4.41
N ARG A 815 17.96 -9.53 -5.24
CA ARG A 815 19.13 -9.28 -6.09
C ARG A 815 20.39 -8.98 -5.31
N ILE A 816 20.28 -8.18 -4.23
CA ILE A 816 21.45 -7.85 -3.41
C ILE A 816 21.93 -9.09 -2.64
N TYR A 817 21.01 -9.86 -2.06
CA TYR A 817 21.32 -11.06 -1.31
C TYR A 817 22.02 -12.08 -2.19
N ASN A 818 21.52 -12.27 -3.41
CA ASN A 818 22.09 -13.17 -4.40
C ASN A 818 23.55 -12.81 -4.72
N GLU A 819 23.83 -11.50 -4.86
CA GLU A 819 25.19 -11.04 -5.11
C GLU A 819 26.04 -11.24 -3.86
N LEU A 820 25.51 -10.93 -2.67
CA LEU A 820 26.26 -11.10 -1.43
C LEU A 820 26.67 -12.57 -1.16
N LYS A 821 25.89 -13.55 -1.64
CA LYS A 821 26.21 -14.96 -1.50
C LYS A 821 27.43 -15.29 -2.37
N GLN A 822 27.47 -14.74 -3.58
CA GLN A 822 28.57 -14.95 -4.51
C GLN A 822 29.87 -14.18 -4.13
N ILE A 823 29.86 -13.44 -3.00
CA ILE A 823 30.97 -12.64 -2.49
C ILE A 823 31.41 -13.14 -1.10
N TYR A 824 30.46 -13.48 -0.24
CA TYR A 824 30.76 -13.89 1.15
C TYR A 824 30.73 -15.39 1.42
N HIS A 825 30.43 -16.22 0.41
CA HIS A 825 30.38 -17.67 0.61
C HIS A 825 31.51 -18.32 -0.18
#